data_4ZUP
#
_entry.id   4ZUP
#
_cell.length_a   44.715
_cell.length_b   120.903
_cell.length_c   64.146
_cell.angle_alpha   90.00
_cell.angle_beta   96.98
_cell.angle_gamma   90.00
#
_symmetry.space_group_name_H-M   'P 1 21 1'
#
loop_
_entity.id
_entity.type
_entity.pdbx_description
1 polymer 'Acetylpolyamine aminohydrolase'
2 non-polymer 'ZINC ION'
3 non-polymer 'POTASSIUM ION'
4 non-polymer 5-amino-N-hydroxypentanamide
5 non-polymer GLYCEROL
6 non-polymer 'NITRATE ION'
7 water water
#
_entity_poly.entity_id   1
_entity_poly.type   'polypeptide(L)'
_entity_poly.pdbx_seq_one_letter_code
;MRVIFSEDHKLRNAKTELYGGELVPPFEAPFRAEWILAAVKEAGFDDVVAPARHGLETVLKVHDAGYLNFLETAWDRWKA
AGYKGEAIATSFPVRRTSPRIPTDIEGQIGYYCNAAETAISPGTWEAALSSMASAIDGADLIAAGHKAAFSLCRPPGHHA
GIDMFGGYCFINNAAVAAQRLLDKGAKKIAILDVDFHHGNGTQDIFYERGDVFFASLHGDPAEAFPHFLGYAEETGKGAG
AGTTANYPMGRGTPYSVWGEALTDSLKRIAAFGAEAIVVSLGVDTFEQDPISFFKLTSPDYITMGRTIAASGVPLLVVME
GGYGVPEIGLNVANVLKGVAG
;
_entity_poly.pdbx_strand_id   A,B
#
loop_
_chem_comp.id
_chem_comp.type
_chem_comp.name
_chem_comp.formula
5XA non-polymer 5-amino-N-hydroxypentanamide 'C5 H12 N2 O2'
GOL non-polymer GLYCEROL 'C3 H8 O3'
K non-polymer 'POTASSIUM ION' 'K 1'
NO3 non-polymer 'NITRATE ION' 'N O3 -1'
ZN non-polymer 'ZINC ION' 'Zn 2'
#
# COMPACT_ATOMS: atom_id res chain seq x y z
N MET A 1 5.28 -39.45 11.97
CA MET A 1 4.44 -38.68 11.06
C MET A 1 5.21 -38.34 9.80
N ARG A 2 4.47 -38.31 8.71
CA ARG A 2 5.07 -37.99 7.43
C ARG A 2 5.37 -36.50 7.33
N VAL A 3 6.49 -36.18 6.67
CA VAL A 3 6.89 -34.81 6.39
C VAL A 3 6.82 -34.66 4.87
N ILE A 4 6.02 -33.70 4.40
CA ILE A 4 5.84 -33.45 2.98
CA ILE A 4 5.85 -33.46 2.97
C ILE A 4 6.63 -32.21 2.62
N PHE A 5 7.54 -32.32 1.67
CA PHE A 5 8.45 -31.25 1.35
C PHE A 5 8.85 -31.30 -0.11
N SER A 6 8.76 -30.15 -0.78
CA SER A 6 9.20 -30.02 -2.17
C SER A 6 10.48 -29.23 -2.31
N GLU A 7 11.44 -29.79 -3.04
CA GLU A 7 12.65 -29.06 -3.39
C GLU A 7 12.37 -27.84 -4.26
N ASP A 8 11.17 -27.78 -4.85
CA ASP A 8 10.83 -26.65 -5.70
C ASP A 8 10.57 -25.37 -4.91
N HIS A 9 10.60 -25.44 -3.58
CA HIS A 9 10.57 -24.19 -2.79
C HIS A 9 11.70 -23.25 -3.24
N LYS A 10 12.80 -23.83 -3.70
CA LYS A 10 14.00 -23.09 -4.07
C LYS A 10 13.76 -22.19 -5.28
N LEU A 11 12.70 -22.43 -6.03
CA LEU A 11 12.36 -21.54 -7.14
C LEU A 11 11.99 -20.15 -6.65
N ARG A 12 11.56 -20.04 -5.39
CA ARG A 12 11.40 -18.71 -4.74
C ARG A 12 12.72 -18.39 -4.07
N ASN A 13 13.51 -17.54 -4.72
CA ASN A 13 14.82 -17.12 -4.19
C ASN A 13 14.97 -15.67 -4.60
N ALA A 14 14.09 -14.83 -4.07
CA ALA A 14 14.05 -13.42 -4.43
C ALA A 14 15.32 -12.73 -3.99
N LYS A 15 15.70 -11.72 -4.77
CA LYS A 15 16.92 -10.97 -4.46
C LYS A 15 16.70 -9.91 -3.40
N THR A 16 15.48 -9.36 -3.36
CA THR A 16 15.24 -8.17 -2.57
C THR A 16 13.95 -8.18 -1.77
N GLU A 17 14.01 -7.43 -0.66
CA GLU A 17 12.88 -7.18 0.24
C GLU A 17 13.03 -5.73 0.69
N LEU A 18 11.95 -4.97 0.63
CA LEU A 18 11.97 -3.59 1.14
C LEU A 18 11.79 -3.64 2.66
N TYR A 19 12.85 -3.30 3.39
CA TYR A 19 12.85 -3.35 4.85
C TYR A 19 13.65 -2.15 5.36
N GLY A 20 13.05 -1.38 6.24
CA GLY A 20 13.72 -0.20 6.79
C GLY A 20 14.18 0.80 5.75
N GLY A 21 13.42 0.94 4.67
CA GLY A 21 13.77 1.87 3.60
C GLY A 21 14.91 1.43 2.70
N GLU A 22 15.30 0.17 2.79
CA GLU A 22 16.37 -0.37 1.94
C GLU A 22 15.89 -1.62 1.26
N LEU A 23 16.52 -1.97 0.15
CA LEU A 23 16.29 -3.24 -0.51
C LEU A 23 17.38 -4.19 -0.08
N VAL A 24 17.00 -5.15 0.77
CA VAL A 24 17.94 -6.04 1.42
C VAL A 24 17.61 -7.47 1.01
N PRO A 25 18.53 -8.41 1.23
CA PRO A 25 18.14 -9.80 0.92
C PRO A 25 16.99 -10.25 1.85
N PRO A 26 16.06 -11.02 1.30
N PRO A 26 16.08 -11.06 1.32
CA PRO A 26 14.86 -11.39 2.07
CA PRO A 26 14.85 -11.34 2.08
C PRO A 26 15.12 -12.21 3.34
C PRO A 26 15.07 -12.23 3.30
N PHE A 27 14.33 -11.94 4.38
CA PHE A 27 14.33 -12.80 5.56
C PHE A 27 13.84 -14.20 5.22
N GLU A 28 12.89 -14.28 4.31
CA GLU A 28 12.26 -15.56 3.96
C GLU A 28 13.02 -16.19 2.79
N ALA A 29 14.11 -16.85 3.12
CA ALA A 29 15.07 -17.31 2.13
C ALA A 29 15.20 -18.83 2.20
N PRO A 30 15.68 -19.45 1.11
CA PRO A 30 15.74 -20.93 1.01
C PRO A 30 16.43 -21.64 2.19
N PHE A 31 17.43 -21.01 2.81
CA PHE A 31 18.13 -21.69 3.90
C PHE A 31 17.16 -22.07 5.03
N ARG A 32 16.05 -21.34 5.18
CA ARG A 32 15.08 -21.68 6.22
C ARG A 32 14.59 -23.10 6.06
N ALA A 33 14.22 -23.47 4.84
CA ALA A 33 13.69 -24.79 4.62
C ALA A 33 14.78 -25.83 4.85
N GLU A 34 16.01 -25.51 4.45
CA GLU A 34 17.11 -26.45 4.64
C GLU A 34 17.32 -26.71 6.13
N TRP A 35 17.32 -25.67 6.94
CA TRP A 35 17.58 -25.83 8.37
C TRP A 35 16.42 -26.53 9.07
N ILE A 36 15.19 -26.24 8.66
CA ILE A 36 14.05 -26.90 9.28
C ILE A 36 14.04 -28.39 8.91
N LEU A 37 14.29 -28.71 7.63
CA LEU A 37 14.28 -30.10 7.22
C LEU A 37 15.33 -30.88 7.97
N ALA A 38 16.54 -30.33 8.09
CA ALA A 38 17.61 -31.04 8.77
C ALA A 38 17.27 -31.30 10.24
N ALA A 39 16.63 -30.33 10.90
CA ALA A 39 16.33 -30.49 12.31
C ALA A 39 15.21 -31.50 12.52
N VAL A 40 14.21 -31.50 11.65
CA VAL A 40 13.13 -32.47 11.84
C VAL A 40 13.65 -33.89 11.60
N LYS A 41 14.53 -34.05 10.60
CA LYS A 41 15.16 -35.36 10.40
C LYS A 41 16.00 -35.77 11.61
N GLU A 42 16.76 -34.84 12.19
CA GLU A 42 17.60 -35.13 13.33
C GLU A 42 16.76 -35.57 14.54
N ALA A 43 15.54 -35.07 14.63
CA ALA A 43 14.63 -35.43 15.73
C ALA A 43 13.89 -36.74 15.45
N GLY A 44 14.18 -37.38 14.32
CA GLY A 44 13.62 -38.68 14.03
C GLY A 44 12.48 -38.68 13.05
N PHE A 45 12.08 -37.49 12.57
CA PHE A 45 11.02 -37.39 11.59
C PHE A 45 11.63 -37.45 10.20
N ASP A 46 12.05 -38.64 9.82
CA ASP A 46 12.73 -38.82 8.55
C ASP A 46 11.90 -39.49 7.45
N ASP A 47 10.60 -39.65 7.68
CA ASP A 47 9.71 -40.12 6.61
C ASP A 47 9.33 -38.90 5.75
N VAL A 48 10.27 -38.47 4.92
CA VAL A 48 10.14 -37.27 4.09
C VAL A 48 9.79 -37.65 2.66
N VAL A 49 8.71 -37.07 2.14
CA VAL A 49 8.26 -37.36 0.78
C VAL A 49 7.95 -36.06 0.03
N ALA A 50 8.19 -36.05 -1.27
CA ALA A 50 7.77 -34.94 -2.11
C ALA A 50 6.27 -35.00 -2.32
N PRO A 51 5.61 -33.84 -2.44
CA PRO A 51 4.18 -33.87 -2.78
C PRO A 51 3.97 -34.26 -4.23
N ALA A 52 2.86 -34.94 -4.47
CA ALA A 52 2.32 -35.01 -5.83
C ALA A 52 1.98 -33.60 -6.30
N ARG A 53 2.05 -33.36 -7.60
N ARG A 53 2.04 -33.38 -7.60
CA ARG A 53 1.62 -32.06 -8.09
CA ARG A 53 1.60 -32.09 -8.12
C ARG A 53 0.08 -31.96 -8.08
C ARG A 53 0.08 -31.98 -8.02
N HIS A 54 -0.41 -30.74 -7.94
CA HIS A 54 -1.85 -30.51 -7.95
C HIS A 54 -2.17 -29.33 -8.82
N GLY A 55 -3.34 -29.39 -9.44
CA GLY A 55 -3.87 -28.25 -10.17
C GLY A 55 -4.59 -27.29 -9.24
N LEU A 56 -5.50 -26.51 -9.79
CA LEU A 56 -6.07 -25.39 -9.08
C LEU A 56 -7.46 -25.62 -8.49
N GLU A 57 -7.97 -26.84 -8.54
CA GLU A 57 -9.34 -27.10 -8.12
CA GLU A 57 -9.33 -27.11 -8.11
C GLU A 57 -9.58 -26.66 -6.67
N THR A 58 -8.71 -27.06 -5.77
CA THR A 58 -8.91 -26.73 -4.36
C THR A 58 -8.68 -25.25 -4.11
N VAL A 59 -7.60 -24.71 -4.65
CA VAL A 59 -7.23 -23.34 -4.34
C VAL A 59 -8.23 -22.32 -4.89
N LEU A 60 -8.91 -22.64 -5.99
CA LEU A 60 -9.92 -21.74 -6.54
C LEU A 60 -11.12 -21.56 -5.60
N LYS A 61 -11.23 -22.41 -4.59
CA LYS A 61 -12.31 -22.28 -3.61
C LYS A 61 -11.95 -21.36 -2.44
N VAL A 62 -10.68 -20.94 -2.34
CA VAL A 62 -10.27 -20.01 -1.30
C VAL A 62 -9.65 -18.72 -1.85
N HIS A 63 -9.06 -18.77 -3.03
CA HIS A 63 -8.53 -17.55 -3.65
C HIS A 63 -9.33 -17.18 -4.89
N ASP A 64 -9.39 -15.89 -5.14
CA ASP A 64 -10.03 -15.34 -6.33
C ASP A 64 -9.28 -15.76 -7.61
N ALA A 65 -10.04 -16.09 -8.67
CA ALA A 65 -9.43 -16.51 -9.92
C ALA A 65 -8.61 -15.44 -10.59
N GLY A 66 -9.10 -14.20 -10.59
CA GLY A 66 -8.30 -13.10 -11.15
C GLY A 66 -6.97 -12.92 -10.44
N TYR A 67 -6.98 -13.07 -9.12
CA TYR A 67 -5.74 -13.03 -8.33
C TYR A 67 -4.77 -14.13 -8.75
N LEU A 68 -5.24 -15.37 -8.86
CA LEU A 68 -4.33 -16.44 -9.26
C LEU A 68 -3.83 -16.21 -10.69
N ASN A 69 -4.70 -15.73 -11.57
CA ASN A 69 -4.26 -15.44 -12.93
C ASN A 69 -3.19 -14.34 -12.94
N PHE A 70 -3.36 -13.35 -12.08
CA PHE A 70 -2.37 -12.31 -11.92
C PHE A 70 -1.03 -12.87 -11.47
N LEU A 71 -1.01 -13.72 -10.44
CA LEU A 71 0.25 -14.28 -9.97
C LEU A 71 0.96 -15.09 -11.06
N GLU A 72 0.19 -15.78 -11.89
CA GLU A 72 0.77 -16.69 -12.88
C GLU A 72 1.58 -15.92 -13.91
N THR A 73 1.18 -14.69 -14.22
CA THR A 73 1.87 -13.93 -15.26
C THR A 73 2.59 -12.68 -14.78
N ALA A 74 2.59 -12.42 -13.48
CA ALA A 74 3.07 -11.15 -12.97
C ALA A 74 4.52 -10.88 -13.33
N TRP A 75 5.39 -11.86 -13.10
CA TRP A 75 6.79 -11.67 -13.40
C TRP A 75 7.02 -11.38 -14.88
N ASP A 76 6.39 -12.18 -15.74
CA ASP A 76 6.55 -12.01 -17.18
C ASP A 76 6.15 -10.61 -17.62
N ARG A 77 5.03 -10.13 -17.08
CA ARG A 77 4.53 -8.80 -17.47
C ARG A 77 5.40 -7.68 -16.94
N TRP A 78 5.90 -7.86 -15.72
CA TRP A 78 6.78 -6.85 -15.13
C TRP A 78 8.04 -6.72 -15.97
N LYS A 79 8.66 -7.85 -16.29
CA LYS A 79 9.88 -7.85 -17.09
C LYS A 79 9.61 -7.23 -18.48
N ALA A 80 8.48 -7.59 -19.07
CA ALA A 80 8.14 -7.08 -20.40
C ALA A 80 7.90 -5.57 -20.40
N ALA A 81 7.51 -5.01 -19.26
CA ALA A 81 7.27 -3.58 -19.15
C ALA A 81 8.58 -2.79 -19.05
N GLY A 82 9.69 -3.50 -18.89
CA GLY A 82 11.01 -2.88 -18.92
C GLY A 82 11.61 -2.51 -17.58
N TYR A 83 10.92 -2.83 -16.50
CA TYR A 83 11.46 -2.52 -15.17
C TYR A 83 12.70 -3.33 -14.86
N LYS A 84 13.63 -2.73 -14.11
CA LYS A 84 14.93 -3.33 -13.88
C LYS A 84 15.05 -4.15 -12.58
N GLY A 85 14.22 -3.83 -11.60
CA GLY A 85 14.24 -4.54 -10.33
C GLY A 85 13.23 -5.67 -10.31
N GLU A 86 13.06 -6.29 -9.15
CA GLU A 86 12.01 -7.27 -9.00
C GLU A 86 10.67 -6.55 -8.92
N ALA A 87 9.58 -7.31 -8.96
CA ALA A 87 8.25 -6.70 -9.06
C ALA A 87 7.72 -6.36 -7.69
N ILE A 88 7.64 -5.05 -7.43
CA ILE A 88 7.25 -4.52 -6.12
C ILE A 88 6.20 -3.45 -6.34
N ALA A 89 5.06 -3.61 -5.66
CA ALA A 89 3.97 -2.67 -5.76
C ALA A 89 4.29 -1.33 -5.08
N THR A 90 3.79 -0.25 -5.62
N THR A 90 3.76 -0.25 -5.64
CA THR A 90 3.98 1.04 -4.98
CA THR A 90 4.03 1.09 -5.14
C THR A 90 2.61 1.65 -4.61
C THR A 90 2.79 2.00 -4.96
N SER A 91 1.65 1.60 -5.52
CA SER A 91 0.38 2.28 -5.28
CA SER A 91 0.36 2.25 -5.29
C SER A 91 -0.63 1.24 -4.80
N PHE A 92 -1.45 1.61 -3.82
CA PHE A 92 -2.37 0.66 -3.19
C PHE A 92 -3.80 1.18 -3.09
N PRO A 93 -4.78 0.27 -3.20
CA PRO A 93 -6.18 0.70 -3.09
C PRO A 93 -6.55 0.83 -1.61
N VAL A 94 -6.24 2.00 -1.06
CA VAL A 94 -6.43 2.29 0.35
C VAL A 94 -7.78 3.00 0.58
N ARG A 95 -7.90 3.84 1.62
CA ARG A 95 -9.21 4.41 1.97
C ARG A 95 -9.84 5.17 0.82
N ARG A 96 -11.14 4.95 0.61
CA ARG A 96 -11.95 5.77 -0.30
C ARG A 96 -11.44 5.73 -1.73
N THR A 97 -10.99 4.56 -2.15
CA THR A 97 -10.58 4.34 -3.53
C THR A 97 -11.67 3.68 -4.35
N SER A 98 -11.54 3.78 -5.66
CA SER A 98 -12.36 3.01 -6.59
C SER A 98 -12.13 1.51 -6.39
N PRO A 99 -13.18 0.69 -6.56
CA PRO A 99 -13.00 -0.76 -6.48
C PRO A 99 -12.53 -1.36 -7.80
N ARG A 100 -12.35 -0.53 -8.84
CA ARG A 100 -12.01 -1.08 -10.15
C ARG A 100 -10.61 -1.66 -10.22
N ILE A 101 -10.47 -2.66 -11.07
CA ILE A 101 -9.18 -3.33 -11.27
C ILE A 101 -8.46 -2.68 -12.46
N PRO A 102 -7.24 -2.18 -12.24
CA PRO A 102 -6.49 -1.63 -13.38
C PRO A 102 -6.15 -2.67 -14.43
N THR A 103 -5.66 -2.25 -15.58
CA THR A 103 -5.29 -3.24 -16.60
C THR A 103 -3.78 -3.45 -16.70
N ASP A 104 -2.99 -2.47 -16.32
CA ASP A 104 -1.55 -2.57 -16.54
C ASP A 104 -0.87 -3.28 -15.37
N ILE A 105 0.38 -3.68 -15.56
CA ILE A 105 1.07 -4.45 -14.52
C ILE A 105 1.30 -3.63 -13.25
N GLU A 106 1.64 -2.34 -13.38
CA GLU A 106 1.87 -1.46 -12.25
CA GLU A 106 1.88 -1.53 -12.18
C GLU A 106 0.60 -1.35 -11.38
N GLY A 107 -0.51 -1.08 -12.04
CA GLY A 107 -1.76 -0.99 -11.31
C GLY A 107 -2.22 -2.30 -10.73
N GLN A 108 -2.06 -3.37 -11.50
CA GLN A 108 -2.51 -4.68 -11.00
C GLN A 108 -1.67 -5.19 -9.84
N ILE A 109 -0.36 -4.96 -9.85
CA ILE A 109 0.42 -5.49 -8.74
C ILE A 109 -0.01 -4.80 -7.44
N GLY A 110 -0.33 -3.51 -7.49
CA GLY A 110 -0.86 -2.84 -6.31
C GLY A 110 -2.26 -3.33 -5.94
N TYR A 111 -3.12 -3.51 -6.93
CA TYR A 111 -4.45 -3.98 -6.64
C TYR A 111 -4.41 -5.31 -5.88
N TYR A 112 -3.49 -6.18 -6.26
CA TYR A 112 -3.43 -7.54 -5.72
C TYR A 112 -2.42 -7.69 -4.58
N CYS A 113 -2.00 -6.59 -3.96
CA CYS A 113 -0.97 -6.66 -2.91
C CYS A 113 -1.41 -5.95 -1.64
N ASN A 114 -1.04 -6.52 -0.50
CA ASN A 114 -1.31 -5.89 0.79
C ASN A 114 -0.06 -5.36 1.49
N ALA A 115 1.11 -5.58 0.89
CA ALA A 115 2.35 -5.20 1.55
C ALA A 115 3.50 -5.16 0.55
N ALA A 116 4.19 -4.02 0.48
CA ALA A 116 5.27 -3.80 -0.49
C ALA A 116 6.61 -4.41 -0.11
N GLU A 117 6.65 -5.06 1.05
N GLU A 117 6.69 -5.07 1.04
CA GLU A 117 7.86 -5.75 1.51
CA GLU A 117 7.95 -5.70 1.42
C GLU A 117 8.01 -7.16 0.96
C GLU A 117 8.23 -6.96 0.59
N THR A 118 7.20 -7.49 -0.05
CA THR A 118 7.29 -8.76 -0.77
C THR A 118 7.40 -8.49 -2.26
N ALA A 119 8.52 -8.86 -2.83
CA ALA A 119 8.73 -8.73 -4.27
C ALA A 119 8.36 -10.02 -4.97
N ILE A 120 7.78 -9.93 -6.17
CA ILE A 120 7.59 -11.11 -7.02
C ILE A 120 8.82 -11.27 -7.90
N SER A 121 9.35 -12.48 -7.95
CA SER A 121 10.57 -12.78 -8.65
C SER A 121 10.32 -13.98 -9.58
N PRO A 122 11.21 -14.21 -10.55
CA PRO A 122 11.04 -15.40 -11.39
C PRO A 122 11.05 -16.67 -10.54
N GLY A 123 10.13 -17.57 -10.80
CA GLY A 123 10.04 -18.80 -10.03
C GLY A 123 9.08 -18.71 -8.85
N THR A 124 8.64 -17.51 -8.50
CA THR A 124 7.75 -17.35 -7.35
C THR A 124 6.46 -18.14 -7.50
N TRP A 125 5.81 -18.04 -8.67
CA TRP A 125 4.56 -18.76 -8.88
C TRP A 125 4.73 -20.28 -8.77
N GLU A 126 5.74 -20.80 -9.45
N GLU A 126 5.76 -20.78 -9.45
CA GLU A 126 5.99 -22.24 -9.42
CA GLU A 126 6.03 -22.19 -9.46
C GLU A 126 6.31 -22.68 -8.00
C GLU A 126 6.36 -22.68 -8.04
N ALA A 127 7.10 -21.89 -7.27
CA ALA A 127 7.42 -22.27 -5.89
C ALA A 127 6.15 -22.27 -5.05
N ALA A 128 5.31 -21.26 -5.23
CA ALA A 128 4.07 -21.15 -4.45
C ALA A 128 3.18 -22.35 -4.75
N LEU A 129 3.12 -22.79 -6.00
CA LEU A 129 2.34 -23.98 -6.33
C LEU A 129 2.91 -25.25 -5.68
N SER A 130 4.23 -25.35 -5.58
CA SER A 130 4.84 -26.52 -4.92
C SER A 130 4.50 -26.53 -3.43
N SER A 131 4.47 -25.36 -2.81
CA SER A 131 4.22 -25.22 -1.39
C SER A 131 2.77 -25.56 -1.12
N MET A 132 1.88 -25.10 -1.99
CA MET A 132 0.48 -25.47 -1.93
C MET A 132 0.33 -26.99 -2.04
N ALA A 133 1.05 -27.59 -2.95
CA ALA A 133 0.99 -29.04 -3.13
C ALA A 133 1.40 -29.78 -1.86
N SER A 134 2.41 -29.28 -1.14
CA SER A 134 2.80 -29.91 0.12
C SER A 134 1.65 -29.84 1.12
N ALA A 135 0.98 -28.70 1.17
CA ALA A 135 -0.18 -28.57 2.09
C ALA A 135 -1.31 -29.51 1.68
N ILE A 136 -1.57 -29.63 0.37
CA ILE A 136 -2.63 -30.52 -0.09
C ILE A 136 -2.34 -31.98 0.24
N ASP A 137 -1.11 -32.43 -0.03
CA ASP A 137 -0.78 -33.81 0.30
C ASP A 137 -0.85 -34.07 1.80
N GLY A 138 -0.47 -33.10 2.63
CA GLY A 138 -0.63 -33.24 4.05
C GLY A 138 -2.08 -33.40 4.44
N ALA A 139 -2.93 -32.53 3.88
CA ALA A 139 -4.35 -32.62 4.15
C ALA A 139 -4.91 -33.99 3.73
N ASP A 140 -4.45 -34.50 2.60
CA ASP A 140 -4.92 -35.80 2.13
C ASP A 140 -4.54 -36.92 3.10
N LEU A 141 -3.39 -36.81 3.75
CA LEU A 141 -3.00 -37.79 4.75
C LEU A 141 -3.95 -37.76 5.94
N ILE A 142 -4.31 -36.56 6.39
CA ILE A 142 -5.27 -36.42 7.49
C ILE A 142 -6.63 -36.95 7.05
N ALA A 143 -7.08 -36.60 5.86
CA ALA A 143 -8.35 -37.11 5.36
C ALA A 143 -8.39 -38.63 5.29
N ALA A 144 -7.22 -39.24 5.07
CA ALA A 144 -7.09 -40.68 4.91
C ALA A 144 -6.96 -41.39 6.26
N GLY A 145 -6.90 -40.64 7.35
CA GLY A 145 -6.94 -41.23 8.66
C GLY A 145 -5.72 -41.03 9.54
N HIS A 146 -4.68 -40.37 9.05
CA HIS A 146 -3.52 -40.11 9.90
C HIS A 146 -3.87 -39.04 10.93
N LYS A 147 -3.33 -39.17 12.14
CA LYS A 147 -3.61 -38.16 13.15
C LYS A 147 -2.64 -36.98 13.20
N ALA A 148 -1.54 -37.06 12.43
CA ALA A 148 -0.60 -35.97 12.34
C ALA A 148 0.17 -36.07 11.05
N ALA A 149 0.53 -34.90 10.50
CA ALA A 149 1.44 -34.82 9.36
C ALA A 149 2.05 -33.43 9.40
N PHE A 150 3.21 -33.27 8.76
CA PHE A 150 3.84 -31.96 8.69
C PHE A 150 4.09 -31.57 7.24
N SER A 151 3.49 -30.48 6.80
CA SER A 151 3.75 -29.93 5.47
C SER A 151 4.79 -28.82 5.59
N LEU A 152 6.00 -29.08 5.11
CA LEU A 152 7.08 -28.10 5.20
C LEU A 152 6.92 -27.14 4.04
N CYS A 153 5.97 -26.24 4.20
CA CYS A 153 5.65 -25.23 3.18
C CYS A 153 6.68 -24.10 3.14
N ARG A 154 7.09 -23.73 1.95
CA ARG A 154 7.84 -22.52 1.67
C ARG A 154 7.63 -22.24 0.20
N PRO A 155 7.17 -21.04 -0.18
CA PRO A 155 6.90 -19.89 0.69
C PRO A 155 5.74 -20.14 1.62
N PRO A 156 5.68 -19.36 2.70
CA PRO A 156 4.56 -19.47 3.63
C PRO A 156 3.29 -18.87 3.03
N GLY A 157 2.19 -18.94 3.80
CA GLY A 157 0.90 -18.63 3.22
C GLY A 157 -0.02 -17.68 3.96
N HIS A 158 0.14 -17.46 5.26
CA HIS A 158 -0.98 -16.94 6.04
C HIS A 158 -1.31 -15.45 5.85
N HIS A 159 -0.44 -14.69 5.18
CA HIS A 159 -0.76 -13.31 4.84
C HIS A 159 -1.45 -13.16 3.49
N ALA A 160 -1.55 -14.24 2.71
CA ALA A 160 -2.24 -14.17 1.43
C ALA A 160 -3.74 -14.28 1.66
N GLY A 161 -4.45 -13.22 1.29
CA GLY A 161 -5.89 -13.17 1.46
C GLY A 161 -6.62 -13.60 0.22
N ILE A 162 -7.92 -13.35 0.15
CA ILE A 162 -8.69 -13.85 -0.97
C ILE A 162 -8.04 -13.42 -2.29
N ASP A 163 -7.65 -12.16 -2.36
CA ASP A 163 -7.10 -11.63 -3.60
C ASP A 163 -5.91 -10.70 -3.37
N MET A 164 -5.06 -11.04 -2.40
CA MET A 164 -3.89 -10.20 -2.13
CA MET A 164 -3.89 -10.20 -2.08
CA MET A 164 -3.87 -10.23 -2.20
C MET A 164 -2.70 -11.03 -1.64
N PHE A 165 -1.52 -10.70 -2.17
CA PHE A 165 -0.25 -11.27 -1.67
C PHE A 165 0.46 -10.27 -0.77
N GLY A 166 1.37 -10.75 0.07
CA GLY A 166 2.15 -9.87 0.92
C GLY A 166 2.69 -10.66 2.10
N GLY A 167 3.55 -10.04 2.89
CA GLY A 167 4.14 -10.74 4.05
C GLY A 167 4.86 -12.02 3.69
N TYR A 168 5.46 -12.06 2.49
CA TYR A 168 6.25 -13.19 1.98
C TYR A 168 5.37 -14.34 1.48
N CYS A 169 4.05 -14.11 1.39
CA CYS A 169 3.07 -15.15 1.08
C CYS A 169 2.32 -14.87 -0.22
N PHE A 170 1.99 -15.95 -0.94
CA PHE A 170 1.29 -15.83 -2.22
C PHE A 170 0.05 -16.71 -2.29
N ILE A 171 0.18 -17.97 -1.88
CA ILE A 171 -0.97 -18.86 -1.83
C ILE A 171 -1.14 -19.25 -0.38
N ASN A 172 -2.36 -19.16 0.13
CA ASN A 172 -2.58 -19.48 1.53
C ASN A 172 -2.68 -20.99 1.74
N ASN A 173 -1.52 -21.56 2.02
CA ASN A 173 -1.38 -23.02 2.12
C ASN A 173 -2.29 -23.61 3.18
N ALA A 174 -2.38 -22.95 4.33
CA ALA A 174 -3.27 -23.46 5.39
C ALA A 174 -4.74 -23.39 4.97
N ALA A 175 -5.14 -22.31 4.31
CA ALA A 175 -6.51 -22.23 3.80
C ALA A 175 -6.81 -23.32 2.77
N VAL A 176 -5.86 -23.58 1.87
CA VAL A 176 -6.01 -24.62 0.89
C VAL A 176 -6.14 -25.98 1.59
N ALA A 177 -5.32 -26.22 2.60
CA ALA A 177 -5.40 -27.50 3.32
C ALA A 177 -6.77 -27.66 4.00
N ALA A 178 -7.26 -26.60 4.64
CA ALA A 178 -8.58 -26.67 5.28
C ALA A 178 -9.65 -26.97 4.25
N GLN A 179 -9.60 -26.26 3.13
CA GLN A 179 -10.55 -26.51 2.05
C GLN A 179 -10.48 -27.95 1.53
N ARG A 180 -9.26 -28.49 1.43
CA ARG A 180 -9.08 -29.85 0.95
C ARG A 180 -9.76 -30.84 1.90
N LEU A 181 -9.61 -30.59 3.21
CA LEU A 181 -10.27 -31.45 4.20
C LEU A 181 -11.79 -31.40 4.09
N LEU A 182 -12.33 -30.21 3.86
CA LEU A 182 -13.77 -30.09 3.60
C LEU A 182 -14.16 -30.85 2.34
N ASP A 183 -13.38 -30.69 1.28
CA ASP A 183 -13.69 -31.39 0.01
C ASP A 183 -13.63 -32.90 0.17
N LYS A 184 -12.78 -33.38 1.07
CA LYS A 184 -12.65 -34.81 1.31
C LYS A 184 -13.74 -35.34 2.25
N GLY A 185 -14.59 -34.45 2.75
CA GLY A 185 -15.75 -34.90 3.52
C GLY A 185 -15.94 -34.30 4.91
N ALA A 186 -14.98 -33.52 5.40
CA ALA A 186 -15.19 -32.85 6.68
C ALA A 186 -16.27 -31.79 6.55
N LYS A 187 -17.01 -31.56 7.63
CA LYS A 187 -17.98 -30.45 7.63
C LYS A 187 -17.47 -29.24 8.40
N LYS A 188 -16.58 -29.46 9.38
CA LYS A 188 -16.08 -28.38 10.22
C LYS A 188 -14.59 -28.62 10.41
N ILE A 189 -13.80 -27.57 10.15
CA ILE A 189 -12.34 -27.62 10.30
C ILE A 189 -11.91 -26.35 11.03
N ALA A 190 -10.83 -26.43 11.81
CA ALA A 190 -10.25 -25.21 12.39
C ALA A 190 -8.85 -24.99 11.89
N ILE A 191 -8.48 -23.71 11.80
CA ILE A 191 -7.09 -23.32 11.58
C ILE A 191 -6.66 -22.57 12.82
N LEU A 192 -5.57 -23.04 13.43
CA LEU A 192 -4.98 -22.42 14.63
C LEU A 192 -3.63 -21.87 14.24
N ASP A 193 -3.52 -20.54 14.25
CA ASP A 193 -2.34 -19.85 13.72
C ASP A 193 -1.49 -19.38 14.89
N VAL A 194 -0.38 -20.09 15.11
CA VAL A 194 0.51 -19.81 16.25
C VAL A 194 1.76 -19.03 15.86
N ASP A 195 1.92 -18.70 14.57
CA ASP A 195 2.98 -17.80 14.12
C ASP A 195 2.85 -16.47 14.88
N PHE A 196 3.97 -15.78 15.10
CA PHE A 196 3.94 -14.50 15.81
C PHE A 196 2.98 -13.49 15.15
N HIS A 197 2.89 -13.51 13.83
CA HIS A 197 2.08 -12.52 13.11
C HIS A 197 0.66 -12.98 12.93
N HIS A 198 -0.26 -12.03 12.93
CA HIS A 198 -1.64 -12.35 12.62
C HIS A 198 -1.76 -12.95 11.23
N GLY A 199 -2.54 -14.02 11.11
CA GLY A 199 -2.83 -14.59 9.79
C GLY A 199 -3.96 -13.83 9.12
N ASN A 200 -3.69 -12.59 8.73
CA ASN A 200 -4.71 -11.78 8.13
C ASN A 200 -5.26 -12.34 6.85
N GLY A 201 -4.41 -12.99 6.08
CA GLY A 201 -4.88 -13.63 4.86
C GLY A 201 -5.89 -14.74 5.14
N THR A 202 -5.54 -15.60 6.09
CA THR A 202 -6.42 -16.68 6.46
C THR A 202 -7.72 -16.15 7.02
N GLN A 203 -7.62 -15.14 7.89
CA GLN A 203 -8.82 -14.55 8.46
C GLN A 203 -9.73 -14.06 7.33
N ASP A 204 -9.15 -13.33 6.37
CA ASP A 204 -9.91 -12.78 5.24
C ASP A 204 -10.66 -13.89 4.49
N ILE A 205 -9.96 -14.98 4.19
CA ILE A 205 -10.56 -16.06 3.40
C ILE A 205 -11.79 -16.64 4.09
N PHE A 206 -11.73 -16.80 5.41
CA PHE A 206 -12.81 -17.47 6.10
C PHE A 206 -13.70 -16.56 6.94
N TYR A 207 -13.57 -15.24 6.81
CA TYR A 207 -14.22 -14.34 7.74
C TYR A 207 -15.73 -14.45 7.67
N GLU A 208 -16.24 -14.73 6.47
CA GLU A 208 -17.69 -14.82 6.26
C GLU A 208 -18.16 -16.25 6.08
N ARG A 209 -17.34 -17.19 6.54
CA ARG A 209 -17.63 -18.63 6.40
C ARG A 209 -17.76 -19.29 7.76
N GLY A 210 -18.73 -20.17 7.92
CA GLY A 210 -18.91 -20.86 9.19
C GLY A 210 -18.40 -22.29 9.21
N ASP A 211 -17.79 -22.74 8.11
CA ASP A 211 -17.29 -24.11 8.03
C ASP A 211 -15.85 -24.23 8.55
N VAL A 212 -15.17 -23.10 8.67
CA VAL A 212 -13.78 -23.07 9.14
C VAL A 212 -13.67 -22.04 10.25
N PHE A 213 -13.27 -22.52 11.43
CA PHE A 213 -12.99 -21.67 12.56
C PHE A 213 -11.55 -21.19 12.47
N PHE A 214 -11.31 -19.88 12.54
CA PHE A 214 -9.94 -19.35 12.48
C PHE A 214 -9.57 -18.75 13.84
N ALA A 215 -8.51 -19.26 14.45
CA ALA A 215 -7.97 -18.72 15.71
C ALA A 215 -6.54 -18.31 15.47
N SER A 216 -6.19 -17.15 15.98
CA SER A 216 -4.80 -16.65 15.86
C SER A 216 -4.32 -16.04 17.15
N LEU A 217 -3.10 -16.41 17.56
CA LEU A 217 -2.36 -15.76 18.66
C LEU A 217 -1.26 -14.98 18.01
N HIS A 218 -1.06 -13.72 18.38
CA HIS A 218 -0.12 -12.90 17.61
C HIS A 218 0.23 -11.62 18.31
N GLY A 219 1.31 -11.00 17.85
CA GLY A 219 1.65 -9.66 18.29
C GLY A 219 0.52 -8.71 17.97
N ASP A 220 0.19 -7.84 18.93
CA ASP A 220 -0.93 -6.94 18.73
CA ASP A 220 -0.88 -6.84 18.80
C ASP A 220 -0.73 -6.05 17.50
N PRO A 221 -1.79 -5.95 16.69
CA PRO A 221 -1.62 -5.25 15.40
C PRO A 221 -1.38 -3.74 15.56
N ALA A 222 -1.68 -3.17 16.73
CA ALA A 222 -1.33 -1.79 16.95
C ALA A 222 0.19 -1.57 16.89
N GLU A 223 0.95 -2.65 17.13
CA GLU A 223 2.42 -2.59 17.21
C GLU A 223 3.17 -3.64 16.35
N ALA A 224 2.45 -4.42 15.58
CA ALA A 224 3.07 -5.49 14.82
C ALA A 224 2.45 -5.68 13.46
N PHE A 225 3.30 -6.02 12.50
CA PHE A 225 2.82 -6.48 11.19
C PHE A 225 1.84 -7.63 11.42
N PRO A 226 0.74 -7.68 10.67
CA PRO A 226 0.37 -6.87 9.48
C PRO A 226 -0.32 -5.55 9.74
N HIS A 227 -0.50 -5.16 11.00
N HIS A 227 -0.52 -5.20 11.00
CA HIS A 227 -0.93 -3.82 11.39
CA HIS A 227 -0.95 -3.86 11.42
C HIS A 227 -2.45 -3.56 11.29
C HIS A 227 -2.39 -3.45 11.18
N PHE A 228 -3.10 -4.13 10.28
CA PHE A 228 -4.45 -3.68 9.91
C PHE A 228 -5.55 -4.73 10.03
N LEU A 229 -5.27 -5.76 10.80
CA LEU A 229 -6.25 -6.79 11.11
C LEU A 229 -5.68 -7.53 12.30
N GLY A 230 -6.53 -8.22 13.04
CA GLY A 230 -6.07 -9.05 14.16
C GLY A 230 -6.51 -8.54 15.52
N TYR A 231 -7.37 -7.54 15.57
CA TYR A 231 -7.91 -7.09 16.86
C TYR A 231 -8.89 -8.10 17.43
N ALA A 232 -8.97 -8.14 18.75
CA ALA A 232 -9.86 -9.07 19.43
C ALA A 232 -11.33 -8.90 19.05
N GLU A 233 -11.74 -7.69 18.70
CA GLU A 233 -13.14 -7.42 18.37
C GLU A 233 -13.59 -8.09 17.06
N GLU A 234 -12.64 -8.57 16.23
CA GLU A 234 -12.99 -9.18 14.95
C GLU A 234 -13.38 -10.64 15.16
N THR A 235 -14.69 -10.89 15.25
CA THR A 235 -15.16 -12.22 15.61
C THR A 235 -15.89 -12.91 14.46
N GLY A 236 -15.99 -12.24 13.31
CA GLY A 236 -16.64 -12.83 12.15
C GLY A 236 -17.88 -12.09 11.67
N LYS A 237 -18.22 -12.26 10.40
CA LYS A 237 -19.36 -11.56 9.82
C LYS A 237 -20.27 -12.57 9.16
N GLY A 238 -21.56 -12.27 9.13
CA GLY A 238 -22.52 -13.13 8.47
C GLY A 238 -22.45 -14.57 8.93
N ALA A 239 -22.33 -15.48 7.97
CA ALA A 239 -22.22 -16.92 8.26
C ALA A 239 -20.97 -17.24 9.08
N GLY A 240 -20.02 -16.32 9.08
CA GLY A 240 -18.79 -16.49 9.83
C GLY A 240 -18.87 -15.94 11.25
N ALA A 241 -20.05 -15.49 11.69
CA ALA A 241 -20.13 -14.93 13.03
C ALA A 241 -19.70 -15.93 14.09
N GLY A 242 -18.87 -15.48 15.01
CA GLY A 242 -18.43 -16.31 16.11
C GLY A 242 -17.35 -17.31 15.79
N THR A 243 -16.81 -17.32 14.56
CA THR A 243 -15.80 -18.34 14.20
C THR A 243 -14.49 -17.73 13.71
N THR A 244 -14.22 -16.51 14.17
CA THR A 244 -12.87 -15.95 14.16
C THR A 244 -12.56 -15.57 15.60
N ALA A 245 -11.38 -15.98 16.10
CA ALA A 245 -10.95 -15.64 17.46
C ALA A 245 -9.51 -15.18 17.45
N ASN A 246 -9.32 -13.91 17.72
CA ASN A 246 -8.00 -13.28 17.73
C ASN A 246 -7.53 -13.03 19.16
N TYR A 247 -6.27 -13.38 19.40
CA TYR A 247 -5.66 -13.20 20.70
C TYR A 247 -4.40 -12.36 20.56
N PRO A 248 -4.57 -11.03 20.41
CA PRO A 248 -3.41 -10.14 20.33
C PRO A 248 -2.69 -10.00 21.67
N MET A 249 -1.37 -10.00 21.65
CA MET A 249 -0.58 -9.93 22.89
C MET A 249 0.59 -9.00 22.67
N GLY A 250 1.14 -8.49 23.77
CA GLY A 250 2.09 -7.39 23.70
C GLY A 250 3.57 -7.76 23.78
N ARG A 251 4.40 -6.73 23.89
CA ARG A 251 5.84 -6.91 23.86
C ARG A 251 6.31 -7.76 25.03
N GLY A 252 7.19 -8.71 24.73
CA GLY A 252 7.81 -9.53 25.76
C GLY A 252 6.97 -10.73 26.21
N THR A 253 5.84 -10.98 25.55
CA THR A 253 4.95 -12.06 25.99
C THR A 253 5.67 -13.40 26.11
N PRO A 254 5.67 -14.01 27.30
CA PRO A 254 6.31 -15.32 27.49
C PRO A 254 5.27 -16.43 27.44
N TYR A 255 5.72 -17.67 27.54
CA TYR A 255 4.78 -18.79 27.42
C TYR A 255 3.72 -18.80 28.53
N SER A 256 4.06 -18.35 29.73
CA SER A 256 3.08 -18.38 30.81
C SER A 256 1.82 -17.56 30.45
N VAL A 257 1.97 -16.53 29.63
CA VAL A 257 0.84 -15.77 29.15
C VAL A 257 0.32 -16.32 27.81
N TRP A 258 1.24 -16.57 26.88
CA TRP A 258 0.85 -17.06 25.56
C TRP A 258 0.06 -18.38 25.66
N GLY A 259 0.49 -19.26 26.56
CA GLY A 259 -0.16 -20.55 26.73
C GLY A 259 -1.58 -20.43 27.26
N GLU A 260 -1.89 -19.34 27.98
CA GLU A 260 -3.28 -19.13 28.45
C GLU A 260 -4.17 -18.81 27.26
N ALA A 261 -3.65 -18.02 26.31
CA ALA A 261 -4.40 -17.78 25.10
C ALA A 261 -4.55 -19.08 24.30
N LEU A 262 -3.50 -19.91 24.26
CA LEU A 262 -3.58 -21.18 23.57
C LEU A 262 -4.71 -22.03 24.13
N THR A 263 -4.76 -22.15 25.45
CA THR A 263 -5.82 -22.92 26.13
C THR A 263 -7.18 -22.41 25.72
N ASP A 264 -7.34 -21.10 25.69
CA ASP A 264 -8.65 -20.56 25.39
C ASP A 264 -9.04 -20.83 23.95
N SER A 265 -8.07 -20.68 23.04
CA SER A 265 -8.34 -20.91 21.63
C SER A 265 -8.76 -22.35 21.42
N LEU A 266 -8.13 -23.28 22.13
CA LEU A 266 -8.48 -24.70 21.97
C LEU A 266 -9.88 -25.00 22.53
N LYS A 267 -10.27 -24.31 23.60
CA LYS A 267 -11.62 -24.43 24.13
C LYS A 267 -12.63 -23.99 23.07
N ARG A 268 -12.33 -22.87 22.41
CA ARG A 268 -13.24 -22.35 21.39
C ARG A 268 -13.33 -23.31 20.20
N ILE A 269 -12.20 -23.87 19.80
CA ILE A 269 -12.16 -24.82 18.68
C ILE A 269 -12.96 -26.09 19.02
N ALA A 270 -12.81 -26.55 20.25
CA ALA A 270 -13.56 -27.73 20.67
C ALA A 270 -15.08 -27.47 20.72
N ALA A 271 -15.47 -26.28 21.19
CA ALA A 271 -16.89 -25.94 21.24
C ALA A 271 -17.47 -25.82 19.83
N PHE A 272 -16.66 -25.39 18.88
CA PHE A 272 -17.05 -25.31 17.47
C PHE A 272 -17.21 -26.71 16.85
N GLY A 273 -16.46 -27.68 17.34
CA GLY A 273 -16.58 -29.04 16.85
C GLY A 273 -15.72 -29.34 15.64
N ALA A 274 -14.53 -28.75 15.59
CA ALA A 274 -13.60 -29.05 14.51
C ALA A 274 -13.31 -30.54 14.40
N GLU A 275 -13.31 -31.05 13.17
CA GLU A 275 -12.98 -32.46 12.95
C GLU A 275 -11.47 -32.68 12.79
N ALA A 276 -10.74 -31.60 12.52
CA ALA A 276 -9.28 -31.61 12.43
C ALA A 276 -8.85 -30.18 12.61
N ILE A 277 -7.59 -30.00 12.98
CA ILE A 277 -7.01 -28.67 13.14
C ILE A 277 -5.81 -28.55 12.23
N VAL A 278 -5.84 -27.55 11.36
CA VAL A 278 -4.67 -27.16 10.56
C VAL A 278 -3.91 -26.13 11.40
N VAL A 279 -2.68 -26.45 11.78
CA VAL A 279 -1.89 -25.55 12.60
C VAL A 279 -0.96 -24.77 11.67
N SER A 280 -1.16 -23.45 11.63
CA SER A 280 -0.24 -22.55 10.92
C SER A 280 0.91 -22.29 11.88
N LEU A 281 2.01 -23.02 11.68
CA LEU A 281 3.10 -22.98 12.65
C LEU A 281 4.21 -22.05 12.18
N GLY A 282 4.33 -20.89 12.83
CA GLY A 282 5.54 -20.11 12.70
C GLY A 282 6.27 -20.17 14.03
N VAL A 283 7.59 -20.19 13.96
CA VAL A 283 8.41 -20.22 15.19
C VAL A 283 9.07 -18.87 15.39
N ASP A 284 8.51 -17.83 14.76
CA ASP A 284 8.93 -16.46 15.01
C ASP A 284 8.47 -15.90 16.35
N THR A 285 7.77 -16.72 17.14
CA THR A 285 7.49 -16.41 18.54
C THR A 285 8.71 -16.60 19.46
N PHE A 286 9.81 -17.14 18.91
CA PHE A 286 11.01 -17.44 19.68
C PHE A 286 11.66 -16.18 20.21
N GLU A 287 12.21 -16.27 21.41
CA GLU A 287 12.83 -15.14 22.05
C GLU A 287 13.97 -14.50 21.24
N GLN A 288 14.60 -15.26 20.34
CA GLN A 288 15.69 -14.72 19.48
CA GLN A 288 15.68 -14.68 19.52
C GLN A 288 15.25 -14.32 18.09
N ASP A 289 13.97 -14.42 17.77
CA ASP A 289 13.56 -14.08 16.41
C ASP A 289 13.82 -12.61 16.05
N PRO A 290 14.41 -12.35 14.86
CA PRO A 290 14.90 -11.00 14.56
C PRO A 290 13.82 -9.96 14.23
N ILE A 291 12.59 -10.40 13.97
CA ILE A 291 11.58 -9.41 13.57
C ILE A 291 10.35 -9.43 14.50
N SER A 292 10.46 -10.11 15.64
CA SER A 292 9.30 -10.40 16.49
C SER A 292 9.57 -10.12 17.97
N PHE A 293 8.51 -9.94 18.77
CA PHE A 293 8.69 -9.49 20.15
C PHE A 293 8.11 -10.41 21.23
N PHE A 294 7.87 -11.68 20.90
CA PHE A 294 7.52 -12.64 21.93
C PHE A 294 8.77 -13.35 22.49
N LYS A 295 8.58 -14.08 23.59
CA LYS A 295 9.73 -14.62 24.34
C LYS A 295 9.55 -16.10 24.65
N LEU A 296 9.11 -16.87 23.66
CA LEU A 296 9.03 -18.32 23.82
C LEU A 296 10.44 -18.91 23.82
N THR A 297 10.64 -19.96 24.59
CA THR A 297 11.92 -20.65 24.64
C THR A 297 11.82 -21.97 23.86
N SER A 298 12.95 -22.59 23.53
CA SER A 298 12.87 -23.84 22.75
C SER A 298 12.03 -24.95 23.42
N PRO A 299 12.17 -25.16 24.73
CA PRO A 299 11.31 -26.17 25.38
C PRO A 299 9.80 -25.86 25.28
N ASP A 300 9.42 -24.59 25.18
CA ASP A 300 8.00 -24.23 25.10
C ASP A 300 7.34 -24.83 23.86
N TYR A 301 8.12 -25.06 22.80
CA TYR A 301 7.53 -25.64 21.58
C TYR A 301 7.06 -27.07 21.78
N ILE A 302 7.77 -27.83 22.63
CA ILE A 302 7.30 -29.18 22.98
C ILE A 302 5.95 -29.09 23.70
N THR A 303 5.87 -28.20 24.69
CA THR A 303 4.63 -28.00 25.43
C THR A 303 3.51 -27.60 24.48
N MET A 304 3.81 -26.68 23.56
CA MET A 304 2.82 -26.23 22.58
C MET A 304 2.27 -27.39 21.75
N GLY A 305 3.16 -28.19 21.18
CA GLY A 305 2.70 -29.29 20.34
C GLY A 305 1.89 -30.31 21.13
N ARG A 306 2.30 -30.61 22.36
N ARG A 306 2.30 -30.61 22.36
CA ARG A 306 1.56 -31.55 23.19
CA ARG A 306 1.57 -31.56 23.19
C ARG A 306 0.16 -31.02 23.49
C ARG A 306 0.16 -31.02 23.52
N THR A 307 0.08 -29.75 23.85
CA THR A 307 -1.21 -29.15 24.20
C THR A 307 -2.17 -29.15 23.00
N ILE A 308 -1.67 -28.78 21.81
CA ILE A 308 -2.54 -28.75 20.65
C ILE A 308 -3.01 -30.18 20.32
N ALA A 309 -2.12 -31.15 20.39
CA ALA A 309 -2.49 -32.52 20.09
C ALA A 309 -3.43 -33.16 21.12
N ALA A 310 -3.46 -32.61 22.34
N ALA A 310 -3.44 -32.65 22.35
CA ALA A 310 -4.33 -33.11 23.39
CA ALA A 310 -4.05 -33.36 23.49
C ALA A 310 -5.80 -32.76 23.11
C ALA A 310 -5.51 -33.81 23.33
N SER A 311 -6.02 -31.95 22.07
N SER A 311 -6.26 -33.08 22.51
CA SER A 311 -7.36 -31.72 21.53
CA SER A 311 -7.68 -33.38 22.34
C SER A 311 -7.99 -33.04 21.15
C SER A 311 -7.89 -34.66 21.55
N GLY A 312 -7.15 -33.98 20.76
N GLY A 312 -6.89 -35.03 20.75
CA GLY A 312 -7.63 -35.31 20.43
CA GLY A 312 -6.99 -36.25 19.96
C GLY A 312 -8.22 -35.41 19.03
C GLY A 312 -7.52 -36.02 18.57
N VAL A 313 -8.03 -34.37 18.23
N VAL A 313 -7.96 -34.80 18.26
CA VAL A 313 -8.41 -34.45 16.83
CA VAL A 313 -8.37 -34.49 16.90
C VAL A 313 -7.15 -34.39 15.97
C VAL A 313 -7.13 -34.41 16.00
N PRO A 314 -7.24 -34.89 14.75
CA PRO A 314 -6.06 -34.91 13.88
C PRO A 314 -5.52 -33.51 13.59
N LEU A 315 -4.19 -33.44 13.46
CA LEU A 315 -3.48 -32.19 13.18
C LEU A 315 -2.74 -32.26 11.87
N LEU A 316 -2.86 -31.22 11.06
CA LEU A 316 -1.90 -30.98 9.99
C LEU A 316 -1.10 -29.76 10.38
N VAL A 317 0.22 -29.91 10.54
CA VAL A 317 1.08 -28.79 10.82
C VAL A 317 1.58 -28.22 9.52
N VAL A 318 1.34 -26.92 9.30
CA VAL A 318 1.73 -26.25 8.07
C VAL A 318 2.74 -25.14 8.39
N MET A 319 3.91 -25.20 7.76
CA MET A 319 4.98 -24.25 8.07
C MET A 319 4.65 -22.86 7.59
N GLU A 320 4.86 -21.90 8.50
CA GLU A 320 4.75 -20.46 8.20
C GLU A 320 6.12 -19.79 8.43
N GLY A 321 6.19 -18.83 9.35
CA GLY A 321 7.40 -18.03 9.54
C GLY A 321 8.37 -18.52 10.61
N GLY A 322 9.33 -17.67 10.96
CA GLY A 322 10.44 -18.04 11.84
C GLY A 322 11.75 -17.80 11.12
N TYR A 323 12.58 -16.90 11.65
CA TYR A 323 13.68 -16.34 10.88
C TYR A 323 15.01 -16.34 11.58
N GLY A 324 16.06 -16.20 10.79
CA GLY A 324 17.36 -15.72 11.25
C GLY A 324 18.30 -16.73 11.88
N VAL A 325 17.83 -17.47 12.88
CA VAL A 325 18.71 -18.19 13.78
C VAL A 325 18.67 -19.68 13.56
N PRO A 326 19.74 -20.38 13.95
CA PRO A 326 19.73 -21.82 13.67
C PRO A 326 18.59 -22.55 14.39
N GLU A 327 18.21 -22.04 15.55
CA GLU A 327 17.16 -22.70 16.30
C GLU A 327 15.79 -22.80 15.63
N ILE A 328 15.59 -22.15 14.47
CA ILE A 328 14.30 -22.30 13.80
C ILE A 328 13.97 -23.78 13.59
N GLY A 329 14.98 -24.56 13.25
CA GLY A 329 14.76 -25.99 13.02
C GLY A 329 14.41 -26.73 14.31
N LEU A 330 15.23 -26.55 15.33
CA LEU A 330 14.97 -27.14 16.64
C LEU A 330 13.56 -26.82 17.11
N ASN A 331 13.15 -25.57 16.94
CA ASN A 331 11.86 -25.16 17.45
C ASN A 331 10.72 -25.84 16.72
N VAL A 332 10.82 -25.95 15.40
CA VAL A 332 9.80 -26.67 14.64
C VAL A 332 9.80 -28.14 15.04
N ALA A 333 10.98 -28.75 15.11
CA ALA A 333 11.07 -30.16 15.47
C ALA A 333 10.48 -30.38 16.85
N ASN A 334 10.66 -29.42 17.77
CA ASN A 334 10.09 -29.58 19.10
C ASN A 334 8.58 -29.58 19.11
N VAL A 335 7.95 -28.77 18.26
CA VAL A 335 6.50 -28.85 18.13
C VAL A 335 6.09 -30.27 17.72
N LEU A 336 6.79 -30.82 16.73
CA LEU A 336 6.47 -32.18 16.25
C LEU A 336 6.71 -33.22 17.33
N LYS A 337 7.75 -33.05 18.15
CA LYS A 337 7.97 -33.96 19.28
C LYS A 337 6.79 -33.90 20.25
N GLY A 338 6.26 -32.71 20.48
CA GLY A 338 5.12 -32.60 21.38
C GLY A 338 3.88 -33.27 20.79
N VAL A 339 3.66 -33.09 19.49
CA VAL A 339 2.54 -33.75 18.83
C VAL A 339 2.68 -35.27 18.87
N ALA A 340 3.89 -35.77 18.62
CA ALA A 340 4.10 -37.22 18.45
C ALA A 340 4.32 -37.99 19.75
N GLY A 341 4.61 -37.28 20.83
CA GLY A 341 4.98 -37.92 22.08
C GLY A 341 3.82 -38.47 22.89
N MET B 1 2.26 39.23 -13.11
CA MET B 1 1.77 38.47 -11.97
C MET B 1 2.91 38.11 -11.04
N ARG B 2 2.58 38.04 -9.78
CA ARG B 2 3.56 37.71 -8.76
CA ARG B 2 3.56 37.71 -8.76
C ARG B 2 3.84 36.22 -8.76
N VAL B 3 5.09 35.86 -8.49
CA VAL B 3 5.54 34.49 -8.37
C VAL B 3 5.93 34.32 -6.91
N ILE B 4 5.28 33.40 -6.20
CA ILE B 4 5.57 33.15 -4.79
C ILE B 4 6.38 31.87 -4.69
N PHE B 5 7.54 31.95 -4.04
CA PHE B 5 8.49 30.85 -4.06
C PHE B 5 9.32 30.88 -2.79
N SER B 6 9.41 29.74 -2.10
CA SER B 6 10.26 29.62 -0.92
C SER B 6 11.51 28.80 -1.18
N GLU B 7 12.67 29.32 -0.79
CA GLU B 7 13.91 28.55 -0.86
C GLU B 7 13.88 27.35 0.07
N ASP B 8 12.92 27.30 0.99
CA ASP B 8 12.83 26.19 1.92
C ASP B 8 12.35 24.89 1.27
N HIS B 9 11.95 24.95 0.00
CA HIS B 9 11.64 23.71 -0.71
C HIS B 9 12.83 22.76 -0.67
N LYS B 10 14.05 23.29 -0.62
N LYS B 10 14.04 23.33 -0.62
CA LYS B 10 15.23 22.43 -0.71
CA LYS B 10 15.27 22.55 -0.66
C LYS B 10 15.48 21.60 0.55
C LYS B 10 15.38 21.56 0.48
N LEU B 11 14.68 21.85 1.59
CA LEU B 11 14.70 20.99 2.77
C LEU B 11 14.16 19.61 2.46
N ARG B 12 13.34 19.48 1.41
CA ARG B 12 12.96 18.17 0.88
C ARG B 12 13.98 17.82 -0.20
N ASN B 13 14.93 16.95 0.17
CA ASN B 13 15.94 16.49 -0.77
C ASN B 13 16.19 15.01 -0.49
N ALA B 14 15.13 14.23 -0.69
CA ALA B 14 15.19 12.80 -0.44
C ALA B 14 16.20 12.14 -1.35
N LYS B 15 16.83 11.09 -0.83
CA LYS B 15 17.85 10.35 -1.58
C LYS B 15 17.26 9.22 -2.40
N THR B 16 16.10 8.72 -2.00
CA THR B 16 15.57 7.51 -2.62
C THR B 16 14.10 7.60 -2.97
N GLU B 17 13.75 6.90 -4.04
CA GLU B 17 12.38 6.71 -4.53
C GLU B 17 12.30 5.28 -5.01
N LEU B 18 11.26 4.56 -4.61
CA LEU B 18 11.06 3.20 -5.08
C LEU B 18 10.41 3.27 -6.47
N TYR B 19 11.16 2.86 -7.50
CA TYR B 19 10.71 2.92 -8.89
C TYR B 19 11.23 1.69 -9.62
N GLY B 20 10.33 0.92 -10.22
CA GLY B 20 10.70 -0.25 -11.00
C GLY B 20 11.44 -1.27 -10.17
N GLY B 21 11.10 -1.37 -8.87
CA GLY B 21 11.72 -2.35 -8.00
C GLY B 21 13.11 -1.96 -7.55
N GLU B 22 13.48 -0.70 -7.75
CA GLU B 22 14.80 -0.24 -7.33
C GLU B 22 14.64 1.04 -6.53
N LEU B 23 15.65 1.37 -5.73
CA LEU B 23 15.67 2.65 -5.04
C LEU B 23 16.56 3.59 -5.84
N VAL B 24 15.94 4.61 -6.44
CA VAL B 24 16.62 5.47 -7.41
C VAL B 24 16.54 6.91 -6.90
N PRO B 25 17.37 7.81 -7.46
CA PRO B 25 17.22 9.22 -7.08
C PRO B 25 15.83 9.74 -7.47
N PRO B 26 15.15 10.48 -6.59
CA PRO B 26 13.77 10.89 -6.88
C PRO B 26 13.66 11.78 -8.11
N PHE B 27 12.57 11.55 -8.84
CA PHE B 27 12.22 12.46 -9.92
C PHE B 27 11.87 13.85 -9.41
N GLU B 28 11.23 13.91 -8.25
CA GLU B 28 10.74 15.17 -7.69
C GLU B 28 11.86 15.76 -6.83
N ALA B 29 12.82 16.38 -7.50
CA ALA B 29 14.08 16.80 -6.89
C ALA B 29 14.19 18.31 -6.88
N PRO B 30 15.00 18.86 -5.97
CA PRO B 30 15.13 20.32 -5.87
C PRO B 30 15.46 21.06 -7.16
N PHE B 31 16.22 20.43 -8.05
CA PHE B 31 16.59 21.12 -9.28
C PHE B 31 15.36 21.47 -10.14
N ARG B 32 14.23 20.80 -9.95
CA ARG B 32 13.02 21.16 -10.69
C ARG B 32 12.64 22.62 -10.42
N ALA B 33 12.69 23.01 -9.14
CA ALA B 33 12.27 24.35 -8.81
C ALA B 33 13.26 25.37 -9.39
N GLU B 34 14.53 25.03 -9.39
CA GLU B 34 15.53 25.91 -9.99
C GLU B 34 15.27 26.10 -11.49
N TRP B 35 15.00 25.01 -12.20
CA TRP B 35 14.70 25.09 -13.63
C TRP B 35 13.45 25.94 -13.88
N ILE B 36 12.41 25.73 -13.09
CA ILE B 36 11.17 26.46 -13.29
C ILE B 36 11.34 27.94 -12.96
N LEU B 37 11.98 28.25 -11.84
CA LEU B 37 12.15 29.64 -11.48
C LEU B 37 12.96 30.38 -12.54
N ALA B 38 14.04 29.77 -13.01
CA ALA B 38 14.87 30.43 -14.01
C ALA B 38 14.09 30.72 -15.29
N ALA B 39 13.24 29.77 -15.71
CA ALA B 39 12.52 29.95 -16.95
C ALA B 39 11.42 31.01 -16.82
N VAL B 40 10.74 31.04 -15.68
CA VAL B 40 9.70 32.05 -15.52
C VAL B 40 10.30 33.45 -15.48
N LYS B 41 11.44 33.59 -14.82
CA LYS B 41 12.13 34.89 -14.83
C LYS B 41 12.56 35.27 -16.25
N GLU B 42 13.09 34.31 -16.99
CA GLU B 42 13.52 34.57 -18.36
C GLU B 42 12.37 35.06 -19.25
N ALA B 43 11.17 34.55 -18.97
CA ALA B 43 9.96 34.94 -19.70
C ALA B 43 9.38 36.27 -19.22
N GLY B 44 10.02 36.91 -18.26
CA GLY B 44 9.60 38.22 -17.79
C GLY B 44 8.84 38.25 -16.48
N PHE B 45 8.63 37.08 -15.87
CA PHE B 45 7.91 37.00 -14.62
C PHE B 45 8.92 37.04 -13.49
N ASP B 46 9.43 38.25 -13.23
CA ASP B 46 10.51 38.38 -12.27
C ASP B 46 10.09 39.05 -10.97
N ASP B 47 8.79 39.18 -10.74
CA ASP B 47 8.30 39.69 -9.46
C ASP B 47 8.16 38.48 -8.54
N VAL B 48 9.31 38.02 -8.04
CA VAL B 48 9.42 36.82 -7.22
C VAL B 48 9.55 37.21 -5.76
N VAL B 49 8.68 36.65 -4.93
CA VAL B 49 8.71 36.97 -3.52
C VAL B 49 8.57 35.69 -2.69
N ALA B 50 9.20 35.66 -1.52
CA ALA B 50 9.03 34.55 -0.60
C ALA B 50 7.69 34.66 0.10
N PRO B 51 7.08 33.53 0.43
CA PRO B 51 5.82 33.59 1.18
C PRO B 51 6.08 34.00 2.63
N ALA B 52 5.08 34.65 3.22
CA ALA B 52 5.06 34.75 4.67
C ALA B 52 4.83 33.36 5.25
N ARG B 53 5.30 33.11 6.46
N ARG B 53 5.31 33.11 6.47
CA ARG B 53 5.02 31.81 7.08
CA ARG B 53 4.99 31.83 7.08
C ARG B 53 3.57 31.79 7.57
C ARG B 53 3.51 31.81 7.48
N HIS B 54 2.98 30.60 7.56
CA HIS B 54 1.61 30.40 8.03
C HIS B 54 1.56 29.24 8.99
N GLY B 55 0.61 29.34 9.92
CA GLY B 55 0.29 28.24 10.79
C GLY B 55 -0.69 27.28 10.15
N LEU B 56 -1.42 26.54 10.97
CA LEU B 56 -2.20 25.41 10.48
C LEU B 56 -3.68 25.70 10.35
N GLU B 57 -4.11 26.94 10.56
CA GLU B 57 -5.55 27.20 10.58
CA GLU B 57 -5.54 27.29 10.54
C GLU B 57 -6.24 26.77 9.29
N THR B 58 -5.68 27.13 8.14
CA THR B 58 -6.33 26.82 6.88
C THR B 58 -6.22 25.33 6.57
N VAL B 59 -5.03 24.76 6.76
CA VAL B 59 -4.80 23.37 6.39
C VAL B 59 -5.62 22.38 7.22
N LEU B 60 -5.92 22.72 8.47
CA LEU B 60 -6.76 21.86 9.30
C LEU B 60 -8.18 21.72 8.79
N LYS B 61 -8.58 22.57 7.85
CA LYS B 61 -9.93 22.49 7.29
C LYS B 61 -9.97 21.54 6.07
N VAL B 62 -8.80 21.10 5.57
CA VAL B 62 -8.77 20.13 4.46
C VAL B 62 -8.04 18.84 4.80
N HIS B 63 -7.10 18.86 5.73
CA HIS B 63 -6.43 17.64 6.16
C HIS B 63 -6.81 17.27 7.58
N ASP B 64 -6.81 15.97 7.85
CA ASP B 64 -7.03 15.41 9.16
C ASP B 64 -5.89 15.81 10.13
N ALA B 65 -6.25 16.11 11.37
CA ALA B 65 -5.26 16.56 12.35
C ALA B 65 -4.28 15.46 12.73
N GLY B 66 -4.76 14.23 12.86
CA GLY B 66 -3.88 13.10 13.16
C GLY B 66 -2.84 12.91 12.05
N TYR B 67 -3.28 13.06 10.79
CA TYR B 67 -2.37 13.01 9.66
C TYR B 67 -1.26 14.07 9.75
N LEU B 68 -1.63 15.32 10.00
CA LEU B 68 -0.62 16.36 10.11
C LEU B 68 0.32 16.10 11.29
N ASN B 69 -0.24 15.63 12.40
CA ASN B 69 0.61 15.31 13.55
C ASN B 69 1.58 14.19 13.21
N PHE B 70 1.11 13.22 12.45
CA PHE B 70 1.98 12.16 12.00
C PHE B 70 3.14 12.69 11.14
N LEU B 71 2.85 13.56 10.17
CA LEU B 71 3.90 14.06 9.30
C LEU B 71 4.94 14.84 10.11
N GLU B 72 4.47 15.56 11.12
CA GLU B 72 5.31 16.41 11.97
CA GLU B 72 5.35 16.42 11.90
C GLU B 72 6.46 15.63 12.59
N THR B 73 6.19 14.40 12.98
CA THR B 73 7.20 13.63 13.71
C THR B 73 7.65 12.34 13.02
N ALA B 74 7.19 12.09 11.81
CA ALA B 74 7.45 10.81 11.16
C ALA B 74 8.93 10.51 11.04
N TRP B 75 9.70 11.46 10.52
CA TRP B 75 11.12 11.25 10.35
C TRP B 75 11.81 10.93 11.67
N ASP B 76 11.56 11.75 12.69
CA ASP B 76 12.18 11.55 13.99
C ASP B 76 11.88 10.17 14.54
N ARG B 77 10.65 9.72 14.39
CA ARG B 77 10.29 8.42 14.94
C ARG B 77 10.90 7.26 14.14
N TRP B 78 10.98 7.43 12.83
CA TRP B 78 11.57 6.41 11.99
C TRP B 78 13.03 6.22 12.36
N LYS B 79 13.73 7.34 12.46
CA LYS B 79 15.15 7.30 12.83
C LYS B 79 15.32 6.70 14.22
N ALA B 80 14.45 7.05 15.15
CA ALA B 80 14.57 6.53 16.53
C ALA B 80 14.33 5.03 16.61
N ALA B 81 13.55 4.49 15.68
CA ALA B 81 13.27 3.07 15.66
C ALA B 81 14.47 2.26 15.13
N GLY B 82 15.48 2.94 14.62
CA GLY B 82 16.71 2.28 14.21
C GLY B 82 16.83 1.91 12.74
N TYR B 83 15.84 2.26 11.93
CA TYR B 83 15.90 1.97 10.50
C TYR B 83 17.01 2.75 9.80
N LYS B 84 17.60 2.14 8.78
CA LYS B 84 18.78 2.69 8.15
C LYS B 84 18.49 3.51 6.90
N GLY B 85 17.38 3.22 6.23
CA GLY B 85 17.00 3.97 5.04
C GLY B 85 16.07 5.12 5.34
N GLU B 86 15.55 5.73 4.29
CA GLU B 86 14.52 6.75 4.48
C GLU B 86 13.21 6.07 4.85
N ALA B 87 12.21 6.88 5.23
CA ALA B 87 10.99 6.31 5.78
C ALA B 87 10.02 5.96 4.66
N ILE B 88 9.85 4.67 4.41
CA ILE B 88 9.02 4.16 3.31
C ILE B 88 8.04 3.14 3.89
N ALA B 89 6.75 3.37 3.64
CA ALA B 89 5.72 2.45 4.09
C ALA B 89 5.77 1.12 3.34
N THR B 90 5.41 0.05 4.01
N THR B 90 5.42 0.04 4.03
CA THR B 90 5.32 -1.25 3.34
CA THR B 90 5.41 -1.28 3.42
C THR B 90 3.92 -1.84 3.46
C THR B 90 4.18 -2.17 3.72
N SER B 91 3.29 -1.74 4.62
CA SER B 91 2.00 -2.39 4.83
CA SER B 91 1.99 -2.36 4.83
C SER B 91 0.92 -1.32 4.69
N PHE B 92 -0.18 -1.67 4.03
CA PHE B 92 -1.24 -0.69 3.74
C PHE B 92 -2.62 -1.18 4.13
N PRO B 93 -3.51 -0.24 4.54
CA PRO B 93 -4.88 -0.62 4.90
C PRO B 93 -5.72 -0.75 3.62
N VAL B 94 -5.63 -1.94 3.02
CA VAL B 94 -6.27 -2.22 1.75
C VAL B 94 -7.65 -2.86 1.95
N ARG B 95 -8.14 -3.67 0.99
CA ARG B 95 -9.50 -4.21 1.08
C ARG B 95 -9.72 -4.96 2.38
N ARG B 96 -10.87 -4.71 3.01
CA ARG B 96 -11.34 -5.54 4.13
C ARG B 96 -10.40 -5.53 5.33
N THR B 97 -9.81 -4.38 5.60
CA THR B 97 -8.96 -4.20 6.77
C THR B 97 -9.73 -3.50 7.88
N SER B 98 -9.18 -3.60 9.09
CA SER B 98 -9.64 -2.83 10.22
C SER B 98 -9.47 -1.34 9.94
N PRO B 99 -10.38 -0.51 10.42
CA PRO B 99 -10.20 0.95 10.30
C PRO B 99 -9.31 1.57 11.39
N ARG B 100 -8.86 0.74 12.32
CA ARG B 100 -8.09 1.25 13.45
C ARG B 100 -6.70 1.78 13.06
N ILE B 101 -6.27 2.78 13.81
CA ILE B 101 -4.98 3.40 13.58
C ILE B 101 -3.93 2.74 14.48
N PRO B 102 -2.86 2.19 13.88
CA PRO B 102 -1.77 1.64 14.70
C PRO B 102 -1.09 2.69 15.57
N THR B 103 -0.28 2.25 16.51
CA THR B 103 0.43 3.19 17.34
C THR B 103 1.89 3.37 16.97
N ASP B 104 2.52 2.35 16.38
CA ASP B 104 3.95 2.45 16.11
C ASP B 104 4.25 3.11 14.78
N ILE B 105 5.51 3.44 14.56
CA ILE B 105 5.85 4.17 13.35
C ILE B 105 5.62 3.36 12.08
N GLU B 106 5.92 2.07 12.11
CA GLU B 106 5.73 1.20 10.97
CA GLU B 106 5.72 1.25 10.90
C GLU B 106 4.24 1.12 10.55
N GLY B 107 3.39 0.88 11.54
CA GLY B 107 1.98 0.84 11.27
C GLY B 107 1.42 2.19 10.83
N GLN B 108 1.85 3.25 11.50
CA GLN B 108 1.31 4.56 11.17
C GLN B 108 1.74 5.07 9.80
N ILE B 109 2.99 4.81 9.41
CA ILE B 109 3.41 5.28 8.09
C ILE B 109 2.58 4.62 6.99
N GLY B 110 2.23 3.35 7.16
CA GLY B 110 1.35 2.70 6.22
C GLY B 110 -0.08 3.24 6.29
N TYR B 111 -0.57 3.45 7.52
CA TYR B 111 -1.92 3.93 7.69
C TYR B 111 -2.10 5.26 6.95
N TYR B 112 -1.07 6.11 7.01
CA TYR B 112 -1.15 7.46 6.47
C TYR B 112 -0.56 7.60 5.07
N CYS B 113 -0.38 6.51 4.34
CA CYS B 113 0.27 6.54 3.03
C CYS B 113 -0.60 5.86 1.95
N ASN B 114 -0.63 6.43 0.75
CA ASN B 114 -1.31 5.78 -0.37
C ASN B 114 -0.36 5.21 -1.43
N ALA B 115 0.95 5.40 -1.26
CA ALA B 115 1.91 5.01 -2.28
C ALA B 115 3.30 4.94 -1.72
N ALA B 116 3.95 3.78 -1.90
CA ALA B 116 5.28 3.52 -1.35
C ALA B 116 6.46 4.09 -2.14
N GLU B 117 6.14 4.79 -3.21
N GLU B 117 6.21 4.79 -3.24
CA GLU B 117 7.14 5.41 -4.06
CA GLU B 117 7.35 5.35 -3.97
C GLU B 117 7.54 6.81 -3.56
C GLU B 117 7.90 6.58 -3.25
N THR B 118 7.11 7.14 -2.34
CA THR B 118 7.44 8.41 -1.70
C THR B 118 8.03 8.14 -0.33
N ALA B 119 9.30 8.47 -0.14
CA ALA B 119 9.99 8.34 1.14
C ALA B 119 9.89 9.63 1.90
N ILE B 120 9.67 9.55 3.21
CA ILE B 120 9.81 10.71 4.08
C ILE B 120 11.27 10.82 4.52
N SER B 121 11.82 12.03 4.39
CA SER B 121 13.22 12.29 4.66
C SER B 121 13.34 13.50 5.61
N PRO B 122 14.51 13.69 6.21
CA PRO B 122 14.65 14.86 7.10
C PRO B 122 14.41 16.14 6.32
N GLY B 123 13.62 17.03 6.89
CA GLY B 123 13.30 18.28 6.21
C GLY B 123 12.00 18.24 5.44
N THR B 124 11.40 17.06 5.27
CA THR B 124 10.20 16.96 4.43
C THR B 124 9.05 17.78 4.98
N TRP B 125 8.80 17.70 6.29
CA TRP B 125 7.72 18.44 6.90
C TRP B 125 7.91 19.95 6.73
N GLU B 126 9.11 20.43 7.04
N GLU B 126 9.11 20.41 7.05
CA GLU B 126 9.38 21.86 6.91
CA GLU B 126 9.45 21.81 6.93
C GLU B 126 9.25 22.32 5.46
C GLU B 126 9.27 22.30 5.49
N ALA B 127 9.74 21.51 4.53
CA ALA B 127 9.57 21.86 3.13
C ALA B 127 8.10 21.91 2.74
N ALA B 128 7.33 20.94 3.18
CA ALA B 128 5.91 20.88 2.88
C ALA B 128 5.19 22.10 3.42
N LEU B 129 5.55 22.54 4.62
CA LEU B 129 4.95 23.73 5.19
C LEU B 129 5.30 24.97 4.36
N SER B 130 6.51 25.03 3.84
CA SER B 130 6.91 26.21 3.05
C SER B 130 6.13 26.24 1.73
N SER B 131 5.89 25.07 1.18
CA SER B 131 5.18 24.95 -0.08
C SER B 131 3.71 25.33 0.13
N MET B 132 3.14 24.88 1.23
CA MET B 132 1.79 25.29 1.60
C MET B 132 1.74 26.82 1.76
N ALA B 133 2.77 27.39 2.40
CA ALA B 133 2.81 28.84 2.57
C ALA B 133 2.78 29.58 1.22
N SER B 134 3.50 29.06 0.22
CA SER B 134 3.47 29.68 -1.10
C SER B 134 2.07 29.66 -1.70
N ALA B 135 1.35 28.56 -1.50
CA ALA B 135 -0.01 28.45 -1.99
C ALA B 135 -0.94 29.40 -1.26
N ILE B 136 -0.79 29.53 0.06
CA ILE B 136 -1.62 30.44 0.83
C ILE B 136 -1.40 31.89 0.42
N ASP B 137 -0.15 32.30 0.26
CA ASP B 137 0.11 33.68 -0.16
C ASP B 137 -0.43 33.95 -1.56
N GLY B 138 -0.34 32.96 -2.44
CA GLY B 138 -0.92 33.10 -3.77
C GLY B 138 -2.43 33.29 -3.69
N ALA B 139 -3.07 32.48 -2.87
CA ALA B 139 -4.51 32.63 -2.66
C ALA B 139 -4.86 34.01 -2.12
N ASP B 140 -4.06 34.51 -1.17
CA ASP B 140 -4.34 35.81 -0.59
C ASP B 140 -4.26 36.92 -1.64
N LEU B 141 -3.36 36.78 -2.61
CA LEU B 141 -3.28 37.76 -3.69
C LEU B 141 -4.56 37.74 -4.52
N ILE B 142 -5.05 36.55 -4.84
CA ILE B 142 -6.30 36.46 -5.60
C ILE B 142 -7.46 37.02 -4.77
N ALA B 143 -7.52 36.66 -3.50
CA ALA B 143 -8.55 37.21 -2.62
C ALA B 143 -8.51 38.74 -2.58
N ALA B 144 -7.32 39.32 -2.69
CA ALA B 144 -7.15 40.78 -2.59
C ALA B 144 -7.47 41.49 -3.90
N GLY B 145 -7.63 40.75 -4.98
CA GLY B 145 -8.07 41.33 -6.24
C GLY B 145 -7.21 41.07 -7.45
N HIS B 146 -6.09 40.37 -7.29
CA HIS B 146 -5.23 40.09 -8.44
C HIS B 146 -5.94 39.05 -9.32
N LYS B 147 -5.80 39.16 -10.63
CA LYS B 147 -6.43 38.18 -11.52
C LYS B 147 -5.58 36.95 -11.85
N ALA B 148 -4.29 37.00 -11.51
CA ALA B 148 -3.39 35.88 -11.68
C ALA B 148 -2.28 35.96 -10.66
N ALA B 149 -1.79 34.79 -10.26
CA ALA B 149 -0.58 34.66 -9.47
C ALA B 149 -0.06 33.25 -9.68
N PHE B 150 1.23 33.06 -9.45
CA PHE B 150 1.84 31.74 -9.58
C PHE B 150 2.53 31.35 -8.27
N SER B 151 2.04 30.28 -7.64
CA SER B 151 2.68 29.70 -6.46
C SER B 151 3.59 28.58 -6.89
N LEU B 152 4.90 28.82 -6.82
CA LEU B 152 5.87 27.81 -7.23
C LEU B 152 6.07 26.83 -6.07
N CYS B 153 5.10 25.94 -5.94
CA CYS B 153 5.07 24.94 -4.87
C CYS B 153 6.02 23.79 -5.16
N ARG B 154 6.78 23.41 -4.15
CA ARG B 154 7.56 22.18 -4.13
C ARG B 154 7.82 21.88 -2.67
N PRO B 155 7.46 20.69 -2.17
CA PRO B 155 6.89 19.57 -2.91
C PRO B 155 5.48 19.85 -3.42
N PRO B 156 5.06 19.07 -4.41
CA PRO B 156 3.70 19.19 -4.95
C PRO B 156 2.68 18.65 -3.98
N GLY B 157 1.40 18.77 -4.35
CA GLY B 157 0.34 18.51 -3.39
C GLY B 157 -0.80 17.57 -3.79
N HIS B 158 -1.04 17.37 -5.08
CA HIS B 158 -2.38 16.87 -5.46
C HIS B 158 -2.67 15.39 -5.16
N HIS B 159 -1.66 14.60 -4.80
CA HIS B 159 -1.91 13.23 -4.38
C HIS B 159 -2.12 13.11 -2.88
N ALA B 160 -1.92 14.18 -2.11
CA ALA B 160 -2.17 14.13 -0.68
C ALA B 160 -3.68 14.29 -0.43
N GLY B 161 -4.28 13.26 0.15
CA GLY B 161 -5.70 13.23 0.43
C GLY B 161 -5.97 13.68 1.85
N ILE B 162 -7.20 13.45 2.33
CA ILE B 162 -7.53 13.96 3.65
C ILE B 162 -6.51 13.52 4.69
N ASP B 163 -6.15 12.24 4.65
CA ASP B 163 -5.25 11.68 5.65
C ASP B 163 -4.23 10.71 5.04
N MET B 164 -3.71 11.05 3.86
CA MET B 164 -2.72 10.18 3.21
CA MET B 164 -2.66 10.21 3.32
C MET B 164 -1.72 10.98 2.41
N PHE B 165 -0.43 10.61 2.50
CA PHE B 165 0.62 11.14 1.60
C PHE B 165 0.96 10.12 0.53
N GLY B 166 1.58 10.58 -0.54
CA GLY B 166 1.98 9.68 -1.62
C GLY B 166 2.18 10.48 -2.89
N GLY B 167 2.71 9.83 -3.92
CA GLY B 167 2.92 10.51 -5.19
C GLY B 167 3.72 11.80 -5.08
N TYR B 168 4.67 11.80 -4.16
CA TYR B 168 5.62 12.91 -3.97
C TYR B 168 5.01 14.08 -3.19
N CYS B 169 3.79 13.87 -2.66
CA CYS B 169 2.98 14.93 -2.05
C CYS B 169 2.67 14.67 -0.60
N PHE B 170 2.60 15.73 0.20
CA PHE B 170 2.36 15.63 1.64
C PHE B 170 1.26 16.56 2.13
N ILE B 171 1.28 17.82 1.69
CA ILE B 171 0.19 18.74 1.99
C ILE B 171 -0.42 19.15 0.67
N ASN B 172 -1.74 19.09 0.57
CA ASN B 172 -2.38 19.42 -0.69
C ASN B 172 -2.49 20.93 -0.87
N ASN B 173 -1.46 21.49 -1.47
CA ASN B 173 -1.34 22.92 -1.61
C ASN B 173 -2.53 23.56 -2.33
N ALA B 174 -3.00 22.92 -3.40
CA ALA B 174 -4.13 23.46 -4.15
C ALA B 174 -5.38 23.45 -3.28
N ALA B 175 -5.59 22.36 -2.53
CA ALA B 175 -6.73 22.32 -1.63
C ALA B 175 -6.69 23.40 -0.55
N VAL B 176 -5.51 23.61 0.02
CA VAL B 176 -5.31 24.65 1.01
C VAL B 176 -5.60 26.02 0.38
N ALA B 177 -5.17 26.22 -0.86
CA ALA B 177 -5.44 27.51 -1.51
C ALA B 177 -6.93 27.73 -1.73
N ALA B 178 -7.63 26.69 -2.20
CA ALA B 178 -9.07 26.82 -2.39
C ALA B 178 -9.75 27.10 -1.07
N GLN B 179 -9.33 26.41 0.00
CA GLN B 179 -9.91 26.69 1.32
C GLN B 179 -9.65 28.13 1.78
N ARG B 180 -8.44 28.61 1.52
CA ARG B 180 -8.09 29.99 1.88
C ARG B 180 -9.02 30.98 1.17
N LEU B 181 -9.30 30.74 -0.12
CA LEU B 181 -10.17 31.64 -0.85
C LEU B 181 -11.59 31.63 -0.29
N LEU B 182 -12.09 30.45 0.09
CA LEU B 182 -13.38 30.39 0.79
C LEU B 182 -13.34 31.14 2.12
N ASP B 183 -12.26 30.96 2.88
CA ASP B 183 -12.14 31.64 4.17
C ASP B 183 -12.09 33.16 4.02
N LYS B 184 -11.55 33.64 2.92
CA LYS B 184 -11.48 35.06 2.62
C LYS B 184 -12.77 35.63 2.03
N GLY B 185 -13.78 34.78 1.84
CA GLY B 185 -15.10 35.25 1.45
C GLY B 185 -15.74 34.67 0.20
N ALA B 186 -15.01 33.85 -0.54
CA ALA B 186 -15.61 33.18 -1.69
C ALA B 186 -16.62 32.14 -1.21
N LYS B 187 -17.65 31.93 -2.03
CA LYS B 187 -18.62 30.90 -1.72
C LYS B 187 -18.44 29.66 -2.59
N LYS B 188 -17.89 29.84 -3.79
CA LYS B 188 -17.70 28.76 -4.75
C LYS B 188 -16.34 28.95 -5.41
N ILE B 189 -15.55 27.88 -5.43
CA ILE B 189 -14.21 27.88 -6.02
C ILE B 189 -14.09 26.62 -6.84
N ALA B 190 -13.28 26.64 -7.91
CA ALA B 190 -12.98 25.41 -8.64
C ALA B 190 -11.50 25.15 -8.57
N ILE B 191 -11.14 23.87 -8.60
CA ILE B 191 -9.76 23.44 -8.80
C ILE B 191 -9.75 22.68 -10.12
N LEU B 192 -8.87 23.11 -11.02
CA LEU B 192 -8.71 22.51 -12.35
C LEU B 192 -7.32 21.88 -12.41
N ASP B 193 -7.27 20.55 -12.44
CA ASP B 193 -6.00 19.83 -12.31
C ASP B 193 -5.57 19.33 -13.68
N VAL B 194 -4.58 20.01 -14.25
CA VAL B 194 -4.11 19.72 -15.60
C VAL B 194 -2.81 18.91 -15.63
N ASP B 195 -2.29 18.57 -14.45
CA ASP B 195 -1.17 17.65 -14.34
C ASP B 195 -1.54 16.31 -15.01
N PHE B 196 -0.56 15.60 -15.56
CA PHE B 196 -0.87 14.32 -16.21
C PHE B 196 -1.59 13.34 -15.30
N HIS B 197 -1.25 13.34 -14.01
CA HIS B 197 -1.81 12.38 -13.09
C HIS B 197 -3.11 12.86 -12.46
N HIS B 198 -4.02 11.94 -12.18
CA HIS B 198 -5.23 12.31 -11.47
C HIS B 198 -4.89 12.93 -10.11
N GLY B 199 -5.56 14.03 -9.77
CA GLY B 199 -5.43 14.62 -8.43
C GLY B 199 -6.29 13.87 -7.43
N ASN B 200 -5.93 12.63 -7.13
CA ASN B 200 -6.75 11.82 -6.25
C ASN B 200 -6.84 12.39 -4.84
N GLY B 201 -5.76 13.01 -4.37
CA GLY B 201 -5.82 13.65 -3.06
C GLY B 201 -6.81 14.81 -3.04
N THR B 202 -6.75 15.65 -4.06
CA THR B 202 -7.66 16.78 -4.13
C THR B 202 -9.09 16.27 -4.25
N GLN B 203 -9.31 15.25 -5.09
CA GLN B 203 -10.65 14.72 -5.24
C GLN B 203 -11.17 14.24 -3.89
N ASP B 204 -10.35 13.50 -3.15
CA ASP B 204 -10.73 12.97 -1.85
C ASP B 204 -11.14 14.09 -0.92
N ILE B 205 -10.35 15.16 -0.87
CA ILE B 205 -10.65 16.25 0.05
C ILE B 205 -12.02 16.88 -0.21
N PHE B 206 -12.37 17.05 -1.49
CA PHE B 206 -13.60 17.76 -1.81
C PHE B 206 -14.73 16.87 -2.33
N TYR B 207 -14.59 15.55 -2.24
CA TYR B 207 -15.54 14.67 -2.91
C TYR B 207 -16.95 14.82 -2.35
N GLU B 208 -17.05 15.10 -1.05
CA GLU B 208 -18.33 15.26 -0.37
C GLU B 208 -18.60 16.71 -0.01
N ARG B 209 -17.97 17.63 -0.74
CA ARG B 209 -18.19 19.06 -0.49
C ARG B 209 -18.75 19.69 -1.75
N GLY B 210 -19.69 20.61 -1.60
CA GLY B 210 -20.29 21.28 -2.74
C GLY B 210 -19.81 22.70 -2.97
N ASP B 211 -18.83 23.15 -2.19
CA ASP B 211 -18.32 24.51 -2.29
C ASP B 211 -17.11 24.58 -3.23
N VAL B 212 -16.52 23.43 -3.56
CA VAL B 212 -15.37 23.37 -4.45
C VAL B 212 -15.64 22.35 -5.54
N PHE B 213 -15.64 22.82 -6.80
CA PHE B 213 -15.76 21.94 -7.95
C PHE B 213 -14.37 21.45 -8.31
N PHE B 214 -14.19 20.14 -8.40
CA PHE B 214 -12.90 19.57 -8.79
C PHE B 214 -12.97 18.96 -10.19
N ALA B 215 -12.14 19.43 -11.10
CA ALA B 215 -12.04 18.88 -12.46
C ALA B 215 -10.61 18.43 -12.69
N SER B 216 -10.45 17.25 -13.27
CA SER B 216 -9.10 16.73 -13.56
C SER B 216 -9.06 16.10 -14.93
N LEU B 217 -8.00 16.43 -15.69
CA LEU B 217 -7.68 15.79 -16.96
C LEU B 217 -6.44 14.95 -16.67
N HIS B 218 -6.41 13.70 -17.11
CA HIS B 218 -5.31 12.82 -16.65
C HIS B 218 -5.24 11.55 -17.43
N GLY B 219 -4.09 10.89 -17.32
CA GLY B 219 -3.95 9.54 -17.83
C GLY B 219 -4.96 8.63 -17.16
N ASP B 220 -5.59 7.78 -17.96
N ASP B 220 -5.56 7.77 -17.98
CA ASP B 220 -6.67 6.95 -17.44
CA ASP B 220 -6.56 6.79 -17.52
C ASP B 220 -6.15 6.00 -16.37
C ASP B 220 -6.06 6.01 -16.30
N PRO B 221 -6.84 5.94 -15.23
CA PRO B 221 -6.32 5.20 -14.07
C PRO B 221 -6.17 3.71 -14.33
N ALA B 222 -6.86 3.15 -15.32
CA ALA B 222 -6.60 1.77 -15.66
C ALA B 222 -5.14 1.53 -16.09
N GLU B 223 -4.44 2.58 -16.54
CA GLU B 223 -3.09 2.50 -17.11
C GLU B 223 -2.10 3.49 -16.51
N ALA B 224 -2.50 4.31 -15.55
CA ALA B 224 -1.64 5.36 -15.03
C ALA B 224 -1.80 5.55 -13.54
N PHE B 225 -0.69 5.83 -12.88
CA PHE B 225 -0.70 6.27 -11.49
C PHE B 225 -1.69 7.45 -11.39
N PRO B 226 -2.50 7.51 -10.32
CA PRO B 226 -2.49 6.71 -9.10
C PRO B 226 -3.29 5.43 -9.13
N HIS B 227 -3.91 5.15 -10.28
N HIS B 227 -3.87 5.06 -10.27
CA HIS B 227 -4.63 3.88 -10.60
CA HIS B 227 -4.42 3.72 -10.45
C HIS B 227 -5.98 3.62 -9.95
C HIS B 227 -5.77 3.42 -9.80
N PHE B 228 -6.16 4.14 -8.75
CA PHE B 228 -7.33 3.72 -7.93
C PHE B 228 -8.35 4.81 -7.70
N LEU B 229 -8.29 5.83 -8.53
CA LEU B 229 -9.29 6.90 -8.56
C LEU B 229 -9.10 7.61 -9.89
N GLY B 230 -10.12 8.37 -10.33
CA GLY B 230 -9.99 9.13 -11.55
C GLY B 230 -10.87 8.67 -12.69
N TYR B 231 -11.74 7.69 -12.43
CA TYR B 231 -12.68 7.28 -13.48
C TYR B 231 -13.78 8.32 -13.70
N ALA B 232 -14.30 8.37 -14.91
CA ALA B 232 -15.31 9.34 -15.27
C ALA B 232 -16.59 9.20 -14.47
N GLU B 233 -16.89 7.98 -13.99
CA GLU B 233 -18.11 7.76 -13.23
C GLU B 233 -18.10 8.44 -11.87
N GLU B 234 -16.93 8.90 -11.40
CA GLU B 234 -16.85 9.50 -10.06
C GLU B 234 -17.26 10.96 -10.13
N THR B 235 -18.51 11.25 -9.80
CA THR B 235 -19.05 12.60 -9.97
C THR B 235 -19.35 13.29 -8.65
N GLY B 236 -19.08 12.62 -7.53
CA GLY B 236 -19.27 13.23 -6.22
C GLY B 236 -20.27 12.44 -5.39
N LYS B 237 -20.33 12.75 -4.10
CA LYS B 237 -21.19 12.03 -3.16
C LYS B 237 -21.74 13.04 -2.16
N GLY B 238 -22.99 12.84 -1.69
CA GLY B 238 -23.53 13.72 -0.66
C GLY B 238 -23.55 15.17 -1.12
N ALA B 239 -23.04 16.06 -0.28
CA ALA B 239 -22.97 17.47 -0.63
C ALA B 239 -22.17 17.74 -1.91
N GLY B 240 -21.27 16.80 -2.25
CA GLY B 240 -20.44 16.91 -3.43
C GLY B 240 -21.06 16.37 -4.72
N ALA B 241 -22.34 16.01 -4.69
CA ALA B 241 -22.95 15.45 -5.90
C ALA B 241 -22.83 16.42 -7.06
N GLY B 242 -22.32 15.93 -8.19
CA GLY B 242 -22.20 16.74 -9.39
C GLY B 242 -21.03 17.70 -9.46
N THR B 243 -20.13 17.67 -8.49
CA THR B 243 -19.05 18.65 -8.50
C THR B 243 -17.65 18.03 -8.47
N THR B 244 -17.56 16.80 -9.00
CA THR B 244 -16.28 16.21 -9.42
C THR B 244 -16.44 15.83 -10.89
N ALA B 245 -15.47 16.23 -11.72
CA ALA B 245 -15.51 15.89 -13.15
C ALA B 245 -14.16 15.40 -13.60
N ASN B 246 -14.08 14.10 -13.88
CA ASN B 246 -12.84 13.44 -14.33
C ASN B 246 -12.87 13.20 -15.82
N TYR B 247 -11.73 13.50 -16.45
CA TYR B 247 -11.54 13.32 -17.89
C TYR B 247 -10.32 12.44 -18.14
N PRO B 248 -10.47 11.12 -17.94
CA PRO B 248 -9.37 10.20 -18.23
C PRO B 248 -9.12 10.04 -19.73
N MET B 249 -7.86 10.01 -20.12
CA MET B 249 -7.49 9.94 -21.53
C MET B 249 -6.33 8.95 -21.68
N GLY B 250 -6.15 8.41 -22.89
CA GLY B 250 -5.24 7.30 -23.09
C GLY B 250 -3.85 7.63 -23.60
N ARG B 251 -3.11 6.58 -23.94
CA ARG B 251 -1.73 6.69 -24.35
C ARG B 251 -1.60 7.54 -25.61
N GLY B 252 -0.66 8.48 -25.57
CA GLY B 252 -0.33 9.27 -26.74
C GLY B 252 -1.21 10.50 -26.94
N THR B 253 -2.11 10.77 -26.00
CA THR B 253 -3.07 11.86 -26.20
C THR B 253 -2.37 13.19 -26.53
N PRO B 254 -2.72 13.81 -27.67
CA PRO B 254 -2.15 15.12 -28.04
C PRO B 254 -3.06 16.28 -27.68
N TYR B 255 -2.62 17.51 -27.91
CA TYR B 255 -3.45 18.65 -27.52
C TYR B 255 -4.79 18.69 -28.27
N SER B 256 -4.84 18.20 -29.50
CA SER B 256 -6.08 18.26 -30.24
C SER B 256 -7.21 17.51 -29.54
N VAL B 257 -6.88 16.46 -28.79
CA VAL B 257 -7.84 15.74 -28.00
C VAL B 257 -7.92 16.31 -26.56
N TRP B 258 -6.77 16.51 -25.94
CA TRP B 258 -6.73 16.99 -24.57
C TRP B 258 -7.44 18.34 -24.44
N GLY B 259 -7.24 19.23 -25.39
CA GLY B 259 -7.92 20.53 -25.38
C GLY B 259 -9.43 20.44 -25.44
N GLU B 260 -9.98 19.38 -26.02
CA GLU B 260 -11.44 19.22 -26.01
C GLU B 260 -11.92 18.92 -24.61
N ALA B 261 -11.17 18.14 -23.85
CA ALA B 261 -11.54 17.89 -22.47
C ALA B 261 -11.38 19.18 -21.68
N LEU B 262 -10.36 19.97 -21.99
CA LEU B 262 -10.18 21.23 -21.29
C LEU B 262 -11.41 22.14 -21.48
N THR B 263 -11.86 22.29 -22.73
CA THR B 263 -13.04 23.07 -23.06
C THR B 263 -14.23 22.59 -22.25
N ASP B 264 -14.41 21.28 -22.18
CA ASP B 264 -15.58 20.78 -21.48
C ASP B 264 -15.49 21.07 -19.99
N SER B 265 -14.31 20.85 -19.43
CA SER B 265 -14.11 21.14 -18.00
C SER B 265 -14.40 22.60 -17.66
N LEU B 266 -14.00 23.52 -18.54
CA LEU B 266 -14.23 24.92 -18.27
C LEU B 266 -15.72 25.30 -18.40
N LYS B 267 -16.45 24.60 -19.27
CA LYS B 267 -17.87 24.81 -19.37
C LYS B 267 -18.54 24.39 -18.06
N ARG B 268 -18.09 23.28 -17.49
N ARG B 268 -18.10 23.26 -17.51
CA ARG B 268 -18.70 22.79 -16.26
CA ARG B 268 -18.67 22.76 -16.26
C ARG B 268 -18.33 23.63 -15.05
C ARG B 268 -18.37 23.75 -15.12
N ILE B 269 -17.13 24.20 -15.06
CA ILE B 269 -16.74 25.14 -14.01
C ILE B 269 -17.56 26.44 -14.12
N ALA B 270 -17.78 26.91 -15.34
CA ALA B 270 -18.57 28.12 -15.54
C ALA B 270 -20.02 27.93 -15.10
N ALA B 271 -20.58 26.76 -15.37
CA ALA B 271 -21.96 26.49 -14.98
C ALA B 271 -22.08 26.37 -13.46
N PHE B 272 -21.03 25.85 -12.83
CA PHE B 272 -20.99 25.77 -11.36
C PHE B 272 -20.92 27.17 -10.73
N GLY B 273 -20.30 28.13 -11.43
CA GLY B 273 -20.21 29.50 -10.95
C GLY B 273 -19.01 29.76 -10.04
N ALA B 274 -17.87 29.14 -10.35
CA ALA B 274 -16.67 29.37 -9.56
C ALA B 274 -16.28 30.85 -9.59
N GLU B 275 -15.92 31.38 -8.43
CA GLU B 275 -15.49 32.78 -8.32
C GLU B 275 -14.00 32.94 -8.67
N ALA B 276 -13.27 31.83 -8.64
CA ALA B 276 -11.84 31.77 -9.01
C ALA B 276 -11.52 30.33 -9.29
N ILE B 277 -10.45 30.13 -10.03
CA ILE B 277 -9.98 28.78 -10.35
C ILE B 277 -8.56 28.62 -9.87
N VAL B 278 -8.35 27.59 -9.04
CA VAL B 278 -7.01 27.18 -8.64
C VAL B 278 -6.57 26.13 -9.67
N VAL B 279 -5.51 26.42 -10.42
CA VAL B 279 -5.04 25.52 -11.44
C VAL B 279 -3.91 24.69 -10.84
N SER B 280 -4.13 23.38 -10.73
CA SER B 280 -3.06 22.46 -10.34
C SER B 280 -2.27 22.16 -11.61
N LEU B 281 -1.17 22.89 -11.77
CA LEU B 281 -0.39 22.83 -13.02
C LEU B 281 0.75 21.86 -12.89
N GLY B 282 0.62 20.72 -13.56
CA GLY B 282 1.78 19.88 -13.80
C GLY B 282 2.06 19.91 -15.28
N VAL B 283 3.34 19.95 -15.64
CA VAL B 283 3.74 19.92 -17.06
C VAL B 283 4.29 18.55 -17.45
N ASP B 284 3.90 17.54 -16.66
CA ASP B 284 4.20 16.15 -17.00
C ASP B 284 3.33 15.60 -18.13
N THR B 285 2.45 16.44 -18.65
CA THR B 285 1.72 16.16 -19.90
C THR B 285 2.62 16.29 -21.14
N PHE B 286 3.85 16.76 -20.97
CA PHE B 286 4.76 17.03 -22.08
C PHE B 286 5.19 15.77 -22.78
N GLU B 287 5.38 15.87 -24.08
CA GLU B 287 5.78 14.73 -24.88
C GLU B 287 7.11 14.07 -24.45
N GLN B 288 7.99 14.81 -23.77
N GLN B 288 7.99 14.83 -23.79
CA GLN B 288 9.25 14.24 -23.29
CA GLN B 288 9.25 14.26 -23.28
C GLN B 288 9.20 13.77 -21.85
C GLN B 288 9.25 13.97 -21.79
N ASP B 289 8.08 13.93 -21.16
CA ASP B 289 8.08 13.64 -19.72
C ASP B 289 8.43 12.17 -19.48
N PRO B 290 9.39 11.89 -18.58
CA PRO B 290 9.89 10.51 -18.44
C PRO B 290 8.93 9.48 -17.81
N ILE B 291 7.88 9.94 -17.13
CA ILE B 291 7.01 9.01 -16.43
C ILE B 291 5.57 9.06 -16.91
N SER B 292 5.32 9.75 -18.02
CA SER B 292 3.95 10.07 -18.45
C SER B 292 3.77 9.79 -19.94
N PHE B 293 2.51 9.68 -20.38
CA PHE B 293 2.24 9.22 -21.75
C PHE B 293 1.40 10.16 -22.62
N PHE B 294 1.31 11.43 -22.25
CA PHE B 294 0.65 12.39 -23.15
C PHE B 294 1.69 13.06 -24.05
N LYS B 295 1.21 13.81 -25.04
CA LYS B 295 2.10 14.30 -26.10
C LYS B 295 1.88 15.78 -26.34
N LEU B 296 1.77 16.55 -25.28
CA LEU B 296 1.71 18.00 -25.45
C LEU B 296 3.07 18.55 -25.87
N THR B 297 3.05 19.62 -26.66
CA THR B 297 4.27 20.26 -27.12
C THR B 297 4.42 21.56 -26.35
N SER B 298 5.61 22.14 -26.38
CA SER B 298 5.81 23.38 -25.62
C SER B 298 4.85 24.52 -26.02
N PRO B 299 4.60 24.73 -27.33
CA PRO B 299 3.63 25.79 -27.68
C PRO B 299 2.23 25.54 -27.13
N ASP B 300 1.87 24.26 -26.91
CA ASP B 300 0.53 23.95 -26.40
C ASP B 300 0.29 24.58 -25.03
N TYR B 301 1.34 24.80 -24.24
CA TYR B 301 1.17 25.37 -22.92
C TYR B 301 0.69 26.81 -22.98
N ILE B 302 1.09 27.55 -24.02
CA ILE B 302 0.57 28.91 -24.21
C ILE B 302 -0.93 28.86 -24.48
N THR B 303 -1.35 27.99 -25.39
CA THR B 303 -2.76 27.82 -25.70
C THR B 303 -3.54 27.46 -24.43
N MET B 304 -2.99 26.55 -23.64
CA MET B 304 -3.66 26.10 -22.42
C MET B 304 -3.88 27.27 -21.46
N GLY B 305 -2.83 28.04 -21.19
CA GLY B 305 -2.97 29.16 -20.27
C GLY B 305 -3.96 30.20 -20.75
N ARG B 306 -3.93 30.50 -22.05
N ARG B 306 -3.95 30.49 -22.05
CA ARG B 306 -4.87 31.44 -22.62
CA ARG B 306 -4.87 31.45 -22.62
C ARG B 306 -6.30 30.95 -22.44
C ARG B 306 -6.32 30.98 -22.54
N THR B 307 -6.53 29.69 -22.79
CA THR B 307 -7.88 29.12 -22.71
C THR B 307 -8.40 29.14 -21.28
N ILE B 308 -7.56 28.77 -20.31
CA ILE B 308 -8.04 28.79 -18.93
C ILE B 308 -8.35 30.20 -18.46
N ALA B 309 -7.50 31.15 -18.84
CA ALA B 309 -7.71 32.54 -18.42
C ALA B 309 -8.90 33.22 -19.11
N ALA B 310 -9.33 32.66 -20.25
N ALA B 310 -9.31 32.71 -20.27
CA ALA B 310 -10.48 33.19 -20.96
CA ALA B 310 -10.24 33.44 -21.16
C ALA B 310 -11.79 32.92 -20.22
C ALA B 310 -11.54 33.97 -20.56
N SER B 311 -11.73 32.10 -19.17
N SER B 311 -12.05 33.29 -19.53
CA SER B 311 -12.86 31.94 -18.24
CA SER B 311 -13.36 33.65 -18.99
C SER B 311 -13.28 33.29 -17.69
C SER B 311 -13.31 34.95 -18.19
N GLY B 312 -12.33 34.22 -17.63
N GLY B 312 -12.13 35.26 -17.64
CA GLY B 312 -12.62 35.55 -17.15
CA GLY B 312 -11.99 36.46 -16.86
C GLY B 312 -12.69 35.62 -15.63
C GLY B 312 -11.96 36.22 -15.37
N VAL B 313 -12.29 34.57 -14.95
N VAL B 313 -12.37 35.04 -14.93
CA VAL B 313 -12.24 34.60 -13.49
CA VAL B 313 -12.28 34.70 -13.51
C VAL B 313 -10.80 34.50 -13.05
C VAL B 313 -10.81 34.59 -13.09
N PRO B 314 -10.50 35.03 -11.86
CA PRO B 314 -9.11 34.99 -11.41
C PRO B 314 -8.55 33.57 -11.30
N LEU B 315 -7.26 33.46 -11.59
CA LEU B 315 -6.55 32.18 -11.55
C LEU B 315 -5.43 32.24 -10.53
N LEU B 316 -5.34 31.20 -9.70
CA LEU B 316 -4.12 30.91 -8.98
C LEU B 316 -3.49 29.69 -9.60
N VAL B 317 -2.29 29.83 -10.16
CA VAL B 317 -1.59 28.68 -10.72
C VAL B 317 -0.69 28.09 -9.63
N VAL B 318 -0.90 26.81 -9.32
CA VAL B 318 -0.17 26.12 -8.26
C VAL B 318 0.65 25.00 -8.88
N MET B 319 1.97 25.00 -8.66
CA MET B 319 2.86 24.03 -9.30
C MET B 319 2.64 22.61 -8.75
N GLU B 320 2.56 21.64 -9.66
CA GLU B 320 2.49 20.22 -9.30
C GLU B 320 3.69 19.51 -9.95
N GLY B 321 3.46 18.54 -10.86
CA GLY B 321 4.53 17.72 -11.43
C GLY B 321 5.12 18.22 -12.76
N GLY B 322 5.89 17.36 -13.42
CA GLY B 322 6.69 17.73 -14.61
C GLY B 322 8.15 17.46 -14.31
N TYR B 323 8.78 16.55 -15.06
CA TYR B 323 10.05 15.95 -14.63
C TYR B 323 11.11 15.87 -15.72
N GLY B 324 12.35 15.64 -15.29
CA GLY B 324 13.37 15.10 -16.16
C GLY B 324 14.21 16.06 -16.97
N VAL B 325 13.54 17.00 -17.62
CA VAL B 325 14.24 17.86 -18.58
C VAL B 325 14.09 19.34 -18.22
N PRO B 326 15.12 20.16 -18.53
CA PRO B 326 15.05 21.59 -18.21
C PRO B 326 13.83 22.28 -18.84
N GLU B 327 13.30 21.71 -19.94
CA GLU B 327 12.14 22.29 -20.59
C GLU B 327 10.87 22.31 -19.74
N ILE B 328 10.87 21.66 -18.58
CA ILE B 328 9.74 21.82 -17.66
C ILE B 328 9.57 23.32 -17.36
N GLY B 329 10.68 24.06 -17.30
CA GLY B 329 10.60 25.48 -17.03
C GLY B 329 9.91 26.26 -18.15
N LEU B 330 10.35 26.05 -19.39
CA LEU B 330 9.73 26.66 -20.55
C LEU B 330 8.25 26.36 -20.55
N ASN B 331 7.89 25.13 -20.24
CA ASN B 331 6.50 24.73 -20.32
C ASN B 331 5.66 25.46 -19.29
N VAL B 332 6.16 25.57 -18.07
CA VAL B 332 5.45 26.35 -17.05
C VAL B 332 5.38 27.82 -17.46
N ALA B 333 6.51 28.37 -17.90
CA ALA B 333 6.55 29.77 -18.30
C ALA B 333 5.53 30.03 -19.42
N ASN B 334 5.40 29.08 -20.33
CA ASN B 334 4.44 29.20 -21.41
C ASN B 334 3.01 29.24 -20.93
N VAL B 335 2.66 28.48 -19.90
CA VAL B 335 1.31 28.59 -19.36
C VAL B 335 1.12 30.02 -18.84
N LEU B 336 2.11 30.55 -18.13
CA LEU B 336 1.99 31.91 -17.59
C LEU B 336 1.89 32.95 -18.70
N LYS B 337 2.64 32.76 -19.80
CA LYS B 337 2.51 33.65 -20.96
C LYS B 337 1.08 33.64 -21.50
N GLY B 338 0.45 32.47 -21.55
CA GLY B 338 -0.92 32.38 -22.04
C GLY B 338 -1.88 33.08 -21.10
N VAL B 339 -1.67 32.94 -19.79
CA VAL B 339 -2.51 33.65 -18.83
C VAL B 339 -2.33 35.16 -18.91
N ALA B 340 -1.08 35.62 -19.02
CA ALA B 340 -0.78 37.04 -18.95
C ALA B 340 -0.95 37.80 -20.27
N GLY B 341 -1.04 37.07 -21.38
CA GLY B 341 -1.06 37.68 -22.69
C GLY B 341 -2.37 38.32 -23.10
ZN ZN C . 5.36 -14.65 11.22
ZN ZN D . -0.75 -42.50 10.61
K K E . -0.73 -16.00 14.49
K K F . -14.72 -18.36 10.08
O8 5XA G . 4.29 -14.62 9.56
N7 5XA G . 4.72 -13.57 8.74
C6 5XA G . 6.01 -13.36 8.80
O9 5XA G . 6.72 -14.05 9.53
C5 5XA G . 6.51 -12.27 7.90
C4 5XA G . 6.32 -10.87 8.43
C3 5XA G . 6.67 -9.92 7.28
C2 5XA G . 6.82 -8.50 7.77
N1 5XA G . 7.47 -7.73 6.72
C1 GOL H . 15.57 -10.64 -11.72
O1 GOL H . 16.23 -11.82 -11.33
C2 GOL H . 16.22 -9.49 -10.98
O2 GOL H . 17.61 -9.50 -11.20
C3 GOL H . 15.69 -8.15 -11.47
O3 GOL H . 16.32 -7.19 -10.67
N NO3 I . 6.09 -39.76 14.67
O1 NO3 I . 6.67 -40.07 15.74
O2 NO3 I . 6.78 -39.59 13.62
O3 NO3 I . 4.83 -39.61 14.63
N NO3 J . -0.18 -40.75 12.09
N NO3 J . 1.08 -40.07 12.40
O1 NO3 J . 0.08 -39.73 12.80
O1 NO3 J . 1.96 -39.55 13.15
O2 NO3 J . 0.67 -41.14 11.24
O2 NO3 J . 1.42 -40.67 11.33
O3 NO3 J . -1.26 -41.37 12.24
O3 NO3 J . -0.14 -40.00 12.71
C1 GOL K . -9.80 -1.86 21.16
O1 GOL K . -8.74 -1.41 21.98
C2 GOL K . -9.61 -3.35 20.95
O2 GOL K . -8.29 -3.58 20.54
C3 GOL K . -10.58 -3.92 19.92
O3 GOL K . -10.32 -5.31 19.76
ZN ZN L . 1.93 14.39 -12.32
ZN ZN M . -2.60 42.36 -9.96
K K N . -4.82 15.93 -13.53
K K O . -16.70 18.69 -4.98
O8 5XA P . 1.65 14.45 -10.34
N7 5XA P . 2.11 13.29 -9.74
C6 5XA P . 3.27 12.74 -10.02
O9 5XA P . 4.03 13.20 -10.86
C5 5XA P . 3.54 11.49 -9.22
C4 5XA P . 3.87 10.30 -10.07
C3 5XA P . 4.30 9.21 -9.10
C2 5XA P . 4.27 7.84 -9.72
N1 5XA P . 4.99 6.95 -8.81
C1 GOL Q . -12.53 -6.29 8.71
O1 GOL Q . -13.33 -6.32 7.53
C2 GOL Q . -13.06 -5.20 9.63
O2 GOL Q . -14.46 -5.38 9.71
C3 GOL Q . -12.44 -5.36 11.02
O3 GOL Q . -12.87 -4.36 11.93
N NO3 R . 2.34 39.47 -15.96
O1 NO3 R . 2.51 39.63 -17.20
O2 NO3 R . 3.35 39.42 -15.19
O3 NO3 R . 1.18 39.38 -15.49
N NO3 S . -2.59 40.64 -11.58
N NO3 S . -1.90 39.95 -12.25
O1 NO3 S . -2.66 39.64 -12.36
O1 NO3 S . -1.19 39.34 -13.10
O2 NO3 S . -1.47 41.07 -11.22
O2 NO3 S . -1.37 40.70 -11.38
O3 NO3 S . -3.66 41.19 -11.17
O3 NO3 S . -3.16 39.84 -12.30
C1 GOL T . -12.48 29.29 -21.13
O1 GOL T . -12.02 29.34 -22.45
C2 GOL T . -13.68 30.19 -20.88
O2 GOL T . -14.43 30.32 -22.06
C3 GOL T . -14.46 29.47 -19.79
O3 GOL T . -15.78 29.93 -19.71
#